data_4FYS
#
_entry.id   4FYS
#
_cell.length_a   157.907
_cell.length_b   157.907
_cell.length_c   115.327
_cell.angle_alpha   90.00
_cell.angle_beta   90.00
_cell.angle_gamma   120.00
#
_symmetry.space_group_name_H-M   'P 64'
#
loop_
_entity.id
_entity.type
_entity.pdbx_description
1 polymer 'Aminopeptidase N'
2 polymer 'Angiotensin IV'
3 branched beta-D-mannopyranose-(1-4)-2-acetamido-2-deoxy-beta-D-glucopyranose-(1-4)-2-acetamido-2-deoxy-beta-D-glucopyranose
4 branched 2-acetamido-2-deoxy-beta-D-glucopyranose-(1-4)-2-acetamido-2-deoxy-beta-D-glucopyranose
5 non-polymer 2-acetamido-2-deoxy-beta-D-glucopyranose
6 non-polymer 'SULFATE ION'
7 water water
#
loop_
_entity_poly.entity_id
_entity_poly.type
_entity_poly.pdbx_seq_one_letter_code
_entity_poly.pdbx_strand_id
1 'polypeptide(L)'
;PDQSKAWNRYRLPNTLKPDSYRVTLRPYLTPNDRGLYVFKGSSTVRFTCKEATDVIIIHSKKLNYTLSQGHRVVLRGVGG
SQPPDIDKTELVEPTEYLVVHLKGSLVKDSQYEMDSEFEGELADDLAGFYRSEYMEGNVRKVVATTQMQAADARKSFPCF
DEPAMKAEFNITLIHPKDLTALSNMLPKGPSTPLPEDPNWNVTEFHTTPKMSTYLLAFIVSEFDYVEKQASNGVLIRIWA
RPSAIAAGHGDYALNVTGPILNFFAGHYDTPYPLPKSDQIGLPDFNAGAMENWGLVTYRENSLLFDPLSSSSSNKERVVT
VIAHELAHQWFGNLVTIEWWNDLWLNEGFASYVEYLGADYAEPTWNLKDLMVLNDVYRVMAVDALASSHPLSTPASEINT
PAQISELFDAISYSKGASVLRMLSSFLSEDVFKQGLASYLHTFAYQNTIYLNLWDHLQEAVNNRSIQLPTTVRDIMNRWT
LQMGFPVITVDTSTGTLSQEHFLLDPDSNVTRPSEFNYVWIVPITSIRDGRQQQDYWLIDVRAQNDLFSTSGNEWVLLNL
NVTGYYRVNYDEENWRKIQTQLQRDHSAIPVINRAQIINDAFNLASAHKVPVTLALNNTLFLIEERQYMPWEAALSSLSY
FKLMFDRSEVYGPMKNYLKKQVTPLFIHFRNNTNNWREIPENLMDQYSEVNAISTACSNGVPECEEMVSGLFKQWMENPN
NNPIHPNLRSTVYCNAIAQGGEEEWDFAWEQFRNATLVNEADKLRAALACSKELWILNRYLSYTLNPDLIRKQDATSTII
SITNNVIGQGLVWDFVQSNWKKLFNDYGGGSFSFSNLIQAVTRRFSTEYELQQLEQFKKDNEETGFGSGTRALEQALEKT
KANIKWVKENKEVVLQWFTENSK
;
A
2 'polypeptide(L)' VYIHPF C
#
# COMPACT_ATOMS: atom_id res chain seq x y z
N PRO A 1 -29.95 10.03 -14.87
CA PRO A 1 -28.70 10.24 -15.61
C PRO A 1 -28.67 9.39 -16.89
N ASP A 2 -29.17 9.95 -17.99
CA ASP A 2 -29.42 9.22 -19.24
C ASP A 2 -28.21 8.46 -19.79
N GLN A 3 -28.26 7.14 -19.66
CA GLN A 3 -27.15 6.23 -20.03
C GLN A 3 -26.92 6.11 -21.53
N SER A 4 -27.87 6.60 -22.33
CA SER A 4 -27.73 6.48 -23.77
C SER A 4 -26.81 7.56 -24.32
N LYS A 5 -26.54 8.62 -23.54
CA LYS A 5 -25.60 9.65 -23.97
C LYS A 5 -24.18 9.33 -23.52
N ALA A 6 -23.22 9.40 -24.45
CA ALA A 6 -21.81 9.07 -24.17
C ALA A 6 -21.22 9.88 -22.99
N TRP A 7 -21.58 11.14 -22.87
CA TRP A 7 -21.05 11.99 -21.81
C TRP A 7 -21.60 11.66 -20.41
N ASN A 8 -22.54 10.72 -20.33
CA ASN A 8 -23.02 10.22 -19.05
C ASN A 8 -22.45 8.84 -18.73
N ARG A 9 -21.55 8.37 -19.57
CA ARG A 9 -20.88 7.08 -19.34
C ARG A 9 -19.46 7.35 -18.84
N TYR A 10 -19.00 6.51 -17.92
CA TYR A 10 -17.69 6.73 -17.24
C TYR A 10 -16.44 6.51 -18.09
N ARG A 11 -16.49 5.55 -19.02
CA ARG A 11 -15.33 5.28 -19.87
C ARG A 11 -15.36 6.24 -21.06
N LEU A 12 -14.21 6.76 -21.47
CA LEU A 12 -14.17 7.65 -22.62
C LEU A 12 -14.61 6.91 -23.87
N PRO A 13 -15.16 7.64 -24.86
CA PRO A 13 -15.38 6.96 -26.15
C PRO A 13 -14.06 6.46 -26.75
N ASN A 14 -14.14 5.51 -27.67
CA ASN A 14 -12.91 5.14 -28.40
C ASN A 14 -12.72 5.97 -29.68
N THR A 15 -13.55 6.99 -29.87
CA THR A 15 -13.56 7.74 -31.14
C THR A 15 -12.39 8.69 -31.34
N LEU A 16 -11.77 9.15 -30.24
CA LEU A 16 -10.68 10.11 -30.27
C LEU A 16 -9.47 9.63 -29.48
N LYS A 17 -8.27 9.88 -29.99
CA LYS A 17 -7.05 9.43 -29.34
C LYS A 17 -6.01 10.54 -29.39
N PRO A 18 -5.56 11.00 -28.20
CA PRO A 18 -4.58 12.08 -28.24
C PRO A 18 -3.22 11.66 -28.73
N ASP A 19 -2.50 12.63 -29.30
CA ASP A 19 -1.14 12.46 -29.73
C ASP A 19 -0.13 13.18 -28.84
N SER A 20 -0.32 14.48 -28.64
CA SER A 20 0.58 15.24 -27.81
C SER A 20 -0.13 16.46 -27.22
N TYR A 21 0.40 16.96 -26.11
CA TYR A 21 -0.17 18.12 -25.42
C TYR A 21 0.93 19.14 -25.11
N ARG A 22 0.57 20.41 -25.15
CA ARG A 22 1.36 21.40 -24.42
C ARG A 22 0.47 21.92 -23.31
N VAL A 23 1.08 22.21 -22.17
CA VAL A 23 0.39 22.69 -20.97
C VAL A 23 1.27 23.77 -20.33
N THR A 24 0.66 24.91 -20.06
CA THR A 24 1.28 25.97 -19.26
C THR A 24 0.47 26.11 -17.96
N LEU A 25 1.13 26.01 -16.81
CA LEU A 25 0.47 26.20 -15.51
C LEU A 25 1.20 27.24 -14.68
N ARG A 26 0.44 28.00 -13.90
CA ARG A 26 1.03 29.10 -13.11
C ARG A 26 0.39 29.11 -11.72
N PRO A 27 1.09 28.55 -10.71
CA PRO A 27 0.49 28.57 -9.39
C PRO A 27 0.65 29.95 -8.73
N TYR A 28 -0.38 30.41 -8.02
CA TYR A 28 -0.23 31.60 -7.16
C TYR A 28 -0.06 31.20 -5.69
N LEU A 29 1.16 31.38 -5.19
CA LEU A 29 1.55 30.89 -3.89
C LEU A 29 1.25 31.85 -2.73
N THR A 30 0.56 32.93 -3.02
CA THR A 30 0.00 33.77 -1.95
C THR A 30 -1.51 33.86 -2.15
N PRO A 31 -2.29 33.96 -1.05
CA PRO A 31 -3.74 33.93 -1.24
C PRO A 31 -4.24 35.18 -2.00
N ASN A 32 -5.38 35.07 -2.66
CA ASN A 32 -5.96 36.27 -3.26
C ASN A 32 -6.86 36.97 -2.25
N ASP A 33 -7.68 37.92 -2.72
CA ASP A 33 -8.64 38.67 -1.89
C ASP A 33 -9.57 37.74 -1.14
N ARG A 34 -10.08 36.74 -1.84
CA ARG A 34 -10.95 35.70 -1.27
C ARG A 34 -10.22 34.80 -0.26
N GLY A 35 -8.90 34.91 -0.21
CA GLY A 35 -8.07 34.01 0.61
C GLY A 35 -7.90 32.63 -0.04
N LEU A 36 -8.12 32.58 -1.35
CA LEU A 36 -8.05 31.34 -2.12
C LEU A 36 -6.71 31.28 -2.83
N TYR A 37 -6.08 30.12 -2.83
CA TYR A 37 -4.86 29.91 -3.61
C TYR A 37 -5.32 29.32 -4.93
N VAL A 38 -4.83 29.88 -6.03
CA VAL A 38 -5.29 29.46 -7.36
C VAL A 38 -4.10 29.15 -8.27
N PHE A 39 -4.39 28.45 -9.37
CA PHE A 39 -3.42 28.28 -10.45
C PHE A 39 -4.13 28.67 -11.76
N LYS A 40 -3.39 29.27 -12.69
CA LYS A 40 -3.96 29.57 -14.00
C LYS A 40 -3.16 28.81 -15.04
N GLY A 41 -3.86 28.28 -16.04
CA GLY A 41 -3.20 27.51 -17.06
C GLY A 41 -3.80 27.64 -18.44
N SER A 42 -3.07 27.13 -19.41
CA SER A 42 -3.59 26.95 -20.75
C SER A 42 -3.06 25.61 -21.27
N SER A 43 -3.72 25.11 -22.32
CA SER A 43 -3.30 23.87 -22.96
C SER A 43 -3.76 23.81 -24.41
N THR A 44 -2.98 23.10 -25.22
CA THR A 44 -3.41 22.66 -26.54
C THR A 44 -3.22 21.16 -26.57
N VAL A 45 -4.29 20.44 -26.89
CA VAL A 45 -4.18 19.00 -27.16
C VAL A 45 -4.35 18.73 -28.68
N ARG A 46 -3.40 18.02 -29.26
CA ARG A 46 -3.54 17.48 -30.62
C ARG A 46 -3.99 16.02 -30.53
N PHE A 47 -5.04 15.68 -31.27
CA PHE A 47 -5.61 14.34 -31.22
C PHE A 47 -6.01 13.88 -32.62
N THR A 48 -6.19 12.57 -32.77
CA THR A 48 -6.60 11.93 -34.02
C THR A 48 -8.01 11.40 -33.84
N CYS A 49 -8.88 11.73 -34.80
CA CYS A 49 -10.20 11.14 -34.86
C CYS A 49 -10.07 9.73 -35.43
N LYS A 50 -10.48 8.72 -34.66
CA LYS A 50 -10.36 7.31 -35.08
C LYS A 50 -11.67 6.82 -35.69
N GLU A 51 -12.77 7.45 -35.28
CA GLU A 51 -14.09 7.17 -35.81
C GLU A 51 -14.88 8.49 -35.84
N ALA A 52 -15.54 8.76 -36.96
CA ALA A 52 -16.28 10.03 -37.16
C ALA A 52 -17.25 10.27 -36.01
N THR A 53 -17.20 11.47 -35.46
CA THR A 53 -18.05 11.83 -34.33
C THR A 53 -18.31 13.33 -34.33
N ASP A 54 -19.45 13.75 -33.78
CA ASP A 54 -19.80 15.16 -33.69
C ASP A 54 -19.65 15.72 -32.25
N VAL A 55 -18.90 15.02 -31.43
CA VAL A 55 -18.65 15.45 -30.04
C VAL A 55 -17.21 15.14 -29.61
N ILE A 56 -16.62 16.08 -28.86
CA ILE A 56 -15.32 15.87 -28.24
C ILE A 56 -15.63 15.73 -26.73
N ILE A 57 -15.38 14.53 -26.21
CA ILE A 57 -15.54 14.28 -24.79
C ILE A 57 -14.17 14.07 -24.19
N ILE A 58 -13.82 14.96 -23.27
CA ILE A 58 -12.49 15.01 -22.67
C ILE A 58 -12.71 15.27 -21.16
N HIS A 59 -11.83 14.75 -20.30
CA HIS A 59 -11.98 14.90 -18.85
C HIS A 59 -11.64 16.32 -18.37
N SER A 60 -12.42 16.78 -17.39
CA SER A 60 -12.20 18.08 -16.75
C SER A 60 -12.82 18.03 -15.34
N LYS A 61 -12.05 18.40 -14.34
CA LYS A 61 -12.51 18.31 -12.94
C LYS A 61 -12.19 19.61 -12.22
N LYS A 62 -13.22 20.32 -11.73
CA LYS A 62 -13.00 21.55 -10.93
C LYS A 62 -12.15 22.63 -11.62
N LEU A 63 -12.31 22.69 -12.95
CA LEU A 63 -11.67 23.72 -13.74
C LEU A 63 -12.72 24.73 -14.24
N ASN A 64 -12.34 26.02 -14.21
CA ASN A 64 -13.17 27.11 -14.74
C ASN A 64 -12.52 27.61 -16.02
N TYR A 65 -13.32 27.80 -17.06
CA TYR A 65 -12.79 28.15 -18.39
C TYR A 65 -12.97 29.62 -18.74
N THR A 66 -11.92 30.21 -19.30
CA THR A 66 -12.00 31.55 -19.88
C THR A 66 -12.47 31.42 -21.33
N LEU A 67 -13.64 32.00 -21.63
CA LEU A 67 -14.19 32.00 -22.98
C LEU A 67 -13.18 32.54 -23.99
N SER A 68 -13.15 31.92 -25.15
CA SER A 68 -12.26 32.32 -26.22
C SER A 68 -13.01 32.09 -27.52
N GLN A 69 -13.09 33.17 -28.31
CA GLN A 69 -13.84 33.21 -29.58
C GLN A 69 -15.24 32.63 -29.42
N GLY A 70 -15.92 33.00 -28.33
CA GLY A 70 -17.30 32.61 -28.10
C GLY A 70 -17.58 31.27 -27.41
N HIS A 71 -16.53 30.53 -27.04
CA HIS A 71 -16.76 29.25 -26.36
C HIS A 71 -15.70 28.91 -25.33
N ARG A 72 -15.91 27.84 -24.57
CA ARG A 72 -14.94 27.38 -23.56
C ARG A 72 -13.60 26.96 -24.16
N VAL A 73 -13.64 26.49 -25.40
CA VAL A 73 -12.45 26.06 -26.11
C VAL A 73 -12.48 26.56 -27.58
N VAL A 74 -11.34 26.49 -28.25
CA VAL A 74 -11.21 26.72 -29.70
C VAL A 74 -10.70 25.41 -30.35
N LEU A 75 -11.32 25.07 -31.46
CA LEU A 75 -10.99 23.85 -32.21
C LEU A 75 -10.40 24.23 -33.57
N ARG A 76 -9.20 23.72 -33.87
CA ARG A 76 -8.50 24.04 -35.10
C ARG A 76 -8.12 22.74 -35.83
N GLY A 77 -7.91 22.86 -37.14
CA GLY A 77 -7.50 21.73 -37.96
C GLY A 77 -6.00 21.61 -37.94
N VAL A 78 -5.52 20.46 -38.43
CA VAL A 78 -4.10 20.12 -38.51
C VAL A 78 -3.89 19.43 -39.86
N GLY A 79 -2.76 19.69 -40.48
CA GLY A 79 -2.44 19.10 -41.80
C GLY A 79 -3.57 19.19 -42.81
N GLY A 80 -4.31 20.30 -42.75
CA GLY A 80 -5.38 20.58 -43.72
C GLY A 80 -6.78 20.18 -43.29
N SER A 81 -6.94 19.44 -42.20
CA SER A 81 -8.32 19.11 -41.78
C SER A 81 -9.09 20.41 -41.51
N GLN A 82 -10.42 20.34 -41.57
CA GLN A 82 -11.30 21.51 -41.43
C GLN A 82 -12.45 21.17 -40.48
N PRO A 83 -12.25 21.38 -39.17
CA PRO A 83 -13.24 20.93 -38.18
C PRO A 83 -14.51 21.75 -38.22
N PRO A 84 -15.64 21.13 -37.90
CA PRO A 84 -16.88 21.88 -37.80
C PRO A 84 -16.79 22.99 -36.77
N ASP A 85 -17.73 23.93 -36.83
CA ASP A 85 -17.91 24.94 -35.81
C ASP A 85 -18.37 24.30 -34.50
N ILE A 86 -18.02 24.92 -33.38
CA ILE A 86 -18.50 24.47 -32.08
C ILE A 86 -19.92 24.99 -31.86
N ASP A 87 -20.85 24.10 -31.57
CA ASP A 87 -22.21 24.49 -31.20
C ASP A 87 -22.24 25.13 -29.79
N LYS A 88 -21.96 24.31 -28.78
CA LYS A 88 -21.89 24.76 -27.39
C LYS A 88 -21.05 23.74 -26.58
N THR A 89 -20.58 24.14 -25.41
CA THR A 89 -19.90 23.20 -24.51
C THR A 89 -20.67 23.04 -23.21
N GLU A 90 -20.44 21.91 -22.54
CA GLU A 90 -20.96 21.73 -21.20
C GLU A 90 -19.97 20.97 -20.34
N LEU A 91 -20.05 21.23 -19.04
CA LEU A 91 -19.32 20.49 -18.01
C LEU A 91 -20.27 19.48 -17.39
N VAL A 92 -19.94 18.21 -17.48
CA VAL A 92 -20.80 17.16 -16.91
C VAL A 92 -20.08 16.62 -15.67
N GLU A 93 -20.62 16.92 -14.49
CA GLU A 93 -19.86 16.78 -13.27
C GLU A 93 -19.64 15.34 -12.81
N PRO A 94 -20.68 14.50 -12.81
CA PRO A 94 -20.50 13.13 -12.30
C PRO A 94 -19.36 12.37 -13.02
N THR A 95 -19.34 12.49 -14.35
CA THR A 95 -18.37 11.81 -15.18
C THR A 95 -17.14 12.68 -15.41
N GLU A 96 -17.12 13.89 -14.83
CA GLU A 96 -15.94 14.78 -14.92
C GLU A 96 -15.49 15.00 -16.36
N TYR A 97 -16.45 15.37 -17.21
CA TYR A 97 -16.14 15.69 -18.60
C TYR A 97 -16.38 17.15 -18.94
N LEU A 98 -15.53 17.67 -19.82
CA LEU A 98 -15.86 18.82 -20.68
C LEU A 98 -16.34 18.21 -21.99
N VAL A 99 -17.53 18.61 -22.43
CA VAL A 99 -18.18 18.02 -23.60
C VAL A 99 -18.30 19.13 -24.66
N VAL A 100 -17.71 18.92 -25.84
CA VAL A 100 -17.75 19.93 -26.90
C VAL A 100 -18.66 19.41 -28.03
N HIS A 101 -19.89 19.95 -28.07
CA HIS A 101 -20.89 19.56 -29.07
C HIS A 101 -20.63 20.32 -30.38
N LEU A 102 -20.47 19.59 -31.48
CA LEU A 102 -20.05 20.19 -32.76
C LEU A 102 -21.19 20.29 -33.73
N LYS A 103 -21.09 21.23 -34.67
CA LYS A 103 -22.15 21.42 -35.66
C LYS A 103 -22.08 20.43 -36.80
N GLY A 104 -21.04 19.59 -36.82
CA GLY A 104 -20.89 18.54 -37.82
C GLY A 104 -19.98 17.48 -37.24
N SER A 105 -19.57 16.53 -38.06
CA SER A 105 -18.71 15.44 -37.60
C SER A 105 -17.27 15.60 -38.01
N LEU A 106 -16.35 15.20 -37.12
CA LEU A 106 -14.92 15.15 -37.47
C LEU A 106 -14.73 13.98 -38.43
N VAL A 107 -13.60 13.97 -39.12
CA VAL A 107 -13.32 13.00 -40.16
C VAL A 107 -12.36 11.94 -39.64
N LYS A 108 -12.69 10.67 -39.88
CA LYS A 108 -11.87 9.52 -39.53
C LYS A 108 -10.43 9.68 -40.00
N ASP A 109 -9.48 9.28 -39.17
CA ASP A 109 -8.02 9.38 -39.46
C ASP A 109 -7.52 10.79 -39.83
N SER A 110 -8.20 11.82 -39.33
CA SER A 110 -7.67 13.20 -39.38
C SER A 110 -7.27 13.72 -37.98
N GLN A 111 -6.34 14.66 -37.93
CA GLN A 111 -5.90 15.29 -36.67
C GLN A 111 -6.52 16.68 -36.47
N TYR A 112 -6.66 17.06 -35.21
CA TYR A 112 -7.26 18.33 -34.80
C TYR A 112 -6.52 18.82 -33.55
N GLU A 113 -6.63 20.12 -33.27
CA GLU A 113 -6.08 20.69 -32.04
C GLU A 113 -7.18 21.43 -31.33
N MET A 114 -7.18 21.32 -30.00
CA MET A 114 -8.14 22.08 -29.18
C MET A 114 -7.42 22.90 -28.10
N ASP A 115 -7.72 24.20 -28.06
CA ASP A 115 -7.06 25.13 -27.13
C ASP A 115 -7.99 25.45 -25.95
N SER A 116 -7.43 25.48 -24.74
CA SER A 116 -8.19 25.82 -23.55
C SER A 116 -7.42 26.83 -22.70
N GLU A 117 -8.16 27.64 -21.96
CA GLU A 117 -7.59 28.52 -20.92
C GLU A 117 -8.46 28.36 -19.69
N PHE A 118 -7.83 28.12 -18.54
CA PHE A 118 -8.61 27.64 -17.40
C PHE A 118 -7.96 28.07 -16.10
N GLU A 119 -8.69 27.85 -15.02
CA GLU A 119 -8.21 28.18 -13.70
C GLU A 119 -8.80 27.19 -12.70
N GLY A 120 -7.99 26.85 -11.69
CA GLY A 120 -8.48 26.00 -10.61
C GLY A 120 -7.95 26.43 -9.25
N GLU A 121 -8.50 25.83 -8.20
CA GLU A 121 -8.00 26.06 -6.84
C GLU A 121 -6.75 25.20 -6.60
N LEU A 122 -5.66 25.84 -6.11
CA LEU A 122 -4.49 25.13 -5.64
C LEU A 122 -4.79 24.80 -4.18
N ALA A 123 -5.68 23.84 -4.00
CA ALA A 123 -6.25 23.50 -2.69
C ALA A 123 -5.30 22.69 -1.82
N ASP A 124 -5.56 22.69 -0.50
CA ASP A 124 -4.78 21.82 0.38
C ASP A 124 -5.38 20.41 0.42
N ASP A 125 -5.80 19.90 -0.74
CA ASP A 125 -6.56 18.66 -0.79
C ASP A 125 -5.76 17.44 -1.30
N LEU A 126 -4.46 17.60 -1.50
CA LEU A 126 -3.55 16.49 -1.82
C LEU A 126 -3.79 15.81 -3.18
N ALA A 127 -4.52 16.48 -4.07
CA ALA A 127 -4.95 15.87 -5.34
C ALA A 127 -4.84 16.85 -6.47
N GLY A 128 -4.43 16.35 -7.64
CA GLY A 128 -4.13 17.19 -8.78
C GLY A 128 -2.96 18.11 -8.53
N PHE A 129 -3.11 19.37 -8.90
CA PHE A 129 -2.09 20.40 -8.66
C PHE A 129 -2.57 21.01 -7.35
N TYR A 130 -1.77 20.84 -6.30
CA TYR A 130 -2.25 21.26 -4.98
C TYR A 130 -1.16 21.95 -4.19
N ARG A 131 -1.48 22.47 -3.00
CA ARG A 131 -0.48 23.15 -2.19
C ARG A 131 -0.10 22.31 -0.97
N SER A 132 1.17 22.35 -0.65
CA SER A 132 1.71 21.78 0.58
C SER A 132 2.33 22.94 1.34
N GLU A 133 2.30 22.92 2.68
CA GLU A 133 2.83 24.03 3.47
C GLU A 133 3.75 23.57 4.57
N TYR A 134 4.76 24.38 4.88
CA TYR A 134 5.63 24.13 6.03
C TYR A 134 6.12 25.47 6.57
N MET A 135 6.75 25.44 7.76
CA MET A 135 7.33 26.65 8.36
C MET A 135 8.83 26.56 8.36
N GLU A 136 9.47 27.66 8.00
CA GLU A 136 10.90 27.79 8.25
C GLU A 136 11.06 28.96 9.24
N GLY A 137 11.35 28.67 10.50
CA GLY A 137 11.20 29.66 11.56
C GLY A 137 9.75 30.14 11.57
N ASN A 138 9.55 31.43 11.40
CA ASN A 138 8.20 32.02 11.38
C ASN A 138 7.71 32.35 9.98
N VAL A 139 8.45 31.92 8.97
CA VAL A 139 8.10 32.18 7.60
C VAL A 139 7.36 30.98 7.00
N ARG A 140 6.16 31.25 6.52
CA ARG A 140 5.30 30.28 5.85
C ARG A 140 5.82 29.97 4.45
N LYS A 141 6.17 28.72 4.21
CA LYS A 141 6.57 28.31 2.86
C LYS A 141 5.45 27.52 2.20
N VAL A 142 5.10 27.89 0.97
CA VAL A 142 4.01 27.25 0.24
C VAL A 142 4.60 26.64 -1.04
N VAL A 143 4.27 25.38 -1.26
CA VAL A 143 4.80 24.59 -2.36
C VAL A 143 3.63 24.22 -3.26
N ALA A 144 3.83 24.34 -4.58
CA ALA A 144 2.87 23.86 -5.55
C ALA A 144 3.39 22.48 -5.96
N THR A 145 2.54 21.47 -5.90
CA THR A 145 2.98 20.11 -6.18
C THR A 145 1.80 19.33 -6.73
N THR A 146 2.02 18.06 -7.12
CA THR A 146 0.97 17.31 -7.81
C THR A 146 0.81 15.87 -7.30
N GLN A 147 -0.41 15.34 -7.46
CA GLN A 147 -0.68 13.91 -7.39
C GLN A 147 -1.79 13.68 -8.42
N MET A 148 -1.47 12.96 -9.50
CA MET A 148 -2.46 12.68 -10.56
C MET A 148 -3.15 11.32 -10.43
N GLN A 149 -2.41 10.30 -9.99
CA GLN A 149 -2.97 8.95 -9.90
C GLN A 149 -4.07 8.92 -8.85
N ALA A 150 -5.21 8.30 -9.17
CA ALA A 150 -5.50 7.69 -10.50
C ALA A 150 -6.02 8.67 -11.54
N ALA A 151 -6.99 9.51 -11.13
CA ALA A 151 -7.87 10.22 -12.06
C ALA A 151 -7.93 11.71 -11.77
N ASP A 152 -6.78 12.28 -11.43
CA ASP A 152 -6.67 13.70 -11.08
C ASP A 152 -5.84 14.57 -12.01
N ALA A 153 -5.17 13.99 -13.01
CA ALA A 153 -4.54 14.86 -14.03
C ALA A 153 -5.58 15.89 -14.58
N ARG A 154 -6.81 15.41 -14.83
CA ARG A 154 -7.96 16.20 -15.31
C ARG A 154 -8.38 17.36 -14.38
N LYS A 155 -7.86 17.35 -13.15
CA LYS A 155 -8.10 18.40 -12.16
C LYS A 155 -7.07 19.51 -12.36
N SER A 156 -6.03 19.25 -13.17
CA SER A 156 -5.00 20.26 -13.44
C SER A 156 -5.12 20.88 -14.85
N PHE A 157 -5.59 20.09 -15.82
CA PHE A 157 -5.76 20.57 -17.22
C PHE A 157 -6.65 19.56 -17.95
N PRO A 158 -7.41 20.02 -18.97
CA PRO A 158 -8.28 19.10 -19.69
C PRO A 158 -7.47 18.03 -20.42
N CYS A 159 -7.85 16.78 -20.25
CA CYS A 159 -7.10 15.70 -20.89
C CYS A 159 -7.92 14.44 -21.05
N PHE A 160 -7.50 13.58 -21.98
CA PHE A 160 -8.09 12.25 -22.08
C PHE A 160 -7.39 11.41 -21.01
N ASP A 161 -8.01 11.41 -19.83
CA ASP A 161 -7.33 10.98 -18.61
C ASP A 161 -7.64 9.54 -18.29
N GLU A 162 -7.13 8.65 -19.16
CA GLU A 162 -7.19 7.19 -18.98
C GLU A 162 -5.77 6.71 -19.36
N PRO A 163 -5.27 5.65 -18.67
CA PRO A 163 -3.88 5.29 -18.80
C PRO A 163 -3.45 4.76 -20.17
N ALA A 164 -4.38 4.27 -20.97
CA ALA A 164 -4.03 3.78 -22.30
C ALA A 164 -4.09 4.91 -23.36
N MET A 165 -4.42 6.12 -22.93
CA MET A 165 -4.39 7.31 -23.81
C MET A 165 -3.05 8.00 -23.73
N LYS A 166 -1.98 7.29 -24.10
CA LYS A 166 -0.64 7.79 -23.92
C LYS A 166 -0.35 8.95 -24.91
N ALA A 167 0.48 9.91 -24.50
CA ALA A 167 0.85 11.05 -25.34
C ALA A 167 2.17 11.62 -24.88
N GLU A 168 2.74 12.53 -25.67
CA GLU A 168 3.88 13.32 -25.27
C GLU A 168 3.35 14.58 -24.61
N PHE A 169 4.08 15.07 -23.61
CA PHE A 169 3.69 16.29 -22.89
C PHE A 169 4.79 17.33 -22.89
N ASN A 170 4.39 18.55 -23.27
CA ASN A 170 5.28 19.73 -23.34
C ASN A 170 4.88 20.70 -22.23
N ILE A 171 5.65 20.70 -21.16
CA ILE A 171 5.21 21.40 -19.94
C ILE A 171 5.97 22.71 -19.83
N THR A 172 5.23 23.77 -19.55
CA THR A 172 5.82 25.04 -19.15
C THR A 172 5.28 25.44 -17.80
N LEU A 173 6.17 25.80 -16.86
CA LEU A 173 5.70 26.35 -15.59
C LEU A 173 6.11 27.81 -15.42
N ILE A 174 5.17 28.61 -14.94
CA ILE A 174 5.40 30.04 -14.71
C ILE A 174 5.35 30.23 -13.20
N HIS A 175 6.38 30.83 -12.61
CA HIS A 175 6.54 30.77 -11.16
C HIS A 175 7.34 31.96 -10.64
N PRO A 176 7.21 32.28 -9.32
CA PRO A 176 8.09 33.35 -8.79
C PRO A 176 9.55 33.15 -9.15
N LYS A 177 10.25 34.26 -9.44
CA LYS A 177 11.60 34.19 -10.01
C LYS A 177 12.61 33.52 -9.09
N ASP A 178 12.32 33.56 -7.80
CA ASP A 178 13.21 33.00 -6.80
C ASP A 178 13.06 31.48 -6.62
N LEU A 179 11.97 30.90 -7.12
CA LEU A 179 11.64 29.49 -6.86
C LEU A 179 12.04 28.57 -8.02
N THR A 180 12.30 27.30 -7.71
CA THR A 180 12.69 26.32 -8.73
C THR A 180 11.45 25.59 -9.22
N ALA A 181 11.34 25.47 -10.54
CA ALA A 181 10.29 24.68 -11.16
C ALA A 181 10.84 23.32 -11.54
N LEU A 182 10.09 22.26 -11.22
CA LEU A 182 10.48 20.91 -11.60
C LEU A 182 9.35 20.18 -12.31
N SER A 183 9.72 19.30 -13.22
CA SER A 183 8.76 18.46 -13.90
C SER A 183 9.42 17.14 -14.27
N ASN A 184 8.71 16.31 -15.03
CA ASN A 184 9.23 14.99 -15.40
C ASN A 184 10.59 15.07 -16.09
N MET A 185 10.68 15.97 -17.08
CA MET A 185 11.89 16.14 -17.91
C MET A 185 12.79 17.30 -17.40
N LEU A 186 13.96 17.44 -17.99
CA LEU A 186 14.84 18.55 -17.69
C LEU A 186 14.33 19.81 -18.39
N PRO A 187 14.73 21.02 -17.91
CA PRO A 187 14.38 22.25 -18.59
C PRO A 187 14.90 22.29 -20.04
N LYS A 188 14.11 22.90 -20.91
CA LYS A 188 14.44 23.08 -22.33
C LYS A 188 14.94 24.49 -22.45
N GLY A 189 16.25 24.67 -22.39
CA GLY A 189 16.82 26.02 -22.34
C GLY A 189 16.71 26.61 -20.94
N PRO A 190 17.22 27.84 -20.74
CA PRO A 190 17.31 28.39 -19.38
C PRO A 190 15.99 29.08 -18.98
N SER A 191 15.84 29.35 -17.68
CA SER A 191 14.61 29.97 -17.17
C SER A 191 14.57 31.51 -17.37
N THR A 192 13.55 32.00 -18.08
CA THR A 192 13.49 33.41 -18.53
C THR A 192 12.39 34.25 -17.87
N PRO A 193 12.60 35.59 -17.74
CA PRO A 193 11.60 36.47 -17.11
C PRO A 193 10.29 36.51 -17.83
N LEU A 194 9.19 36.51 -17.10
CA LEU A 194 7.91 36.74 -17.73
C LEU A 194 7.86 38.21 -18.21
N PRO A 195 7.59 38.44 -19.52
CA PRO A 195 7.57 39.81 -20.07
C PRO A 195 6.61 40.77 -19.34
N GLU A 196 5.38 40.35 -19.09
CA GLU A 196 4.42 41.18 -18.35
C GLU A 196 4.77 41.45 -16.87
N ASP A 197 5.70 40.69 -16.30
CA ASP A 197 6.02 40.80 -14.86
C ASP A 197 7.29 40.02 -14.53
N PRO A 198 8.44 40.70 -14.48
CA PRO A 198 9.70 39.99 -14.27
C PRO A 198 9.95 39.50 -12.82
N ASN A 199 8.96 39.67 -11.95
CA ASN A 199 8.95 38.99 -10.65
C ASN A 199 8.78 37.46 -10.84
N TRP A 200 8.30 37.07 -12.03
CA TRP A 200 8.06 35.66 -12.36
C TRP A 200 9.02 35.18 -13.45
N ASN A 201 9.37 33.90 -13.37
CA ASN A 201 10.12 33.24 -14.45
C ASN A 201 9.22 32.24 -15.18
N VAL A 202 9.67 31.85 -16.36
CA VAL A 202 8.95 30.92 -17.22
C VAL A 202 9.96 29.80 -17.49
N THR A 203 9.61 28.58 -17.07
CA THR A 203 10.49 27.45 -17.28
C THR A 203 9.79 26.45 -18.20
N GLU A 204 10.34 26.26 -19.40
CA GLU A 204 9.83 25.22 -20.28
C GLU A 204 10.67 23.95 -20.13
N PHE A 205 10.01 22.80 -20.21
CA PHE A 205 10.69 21.51 -20.06
C PHE A 205 10.69 20.73 -21.37
N HIS A 206 11.70 19.92 -21.61
CA HIS A 206 11.73 19.04 -22.78
C HIS A 206 10.47 18.16 -22.80
N THR A 207 10.06 17.79 -24.01
CA THR A 207 8.93 16.89 -24.27
C THR A 207 9.13 15.57 -23.53
N THR A 208 8.07 15.02 -22.92
CA THR A 208 8.18 13.72 -22.26
C THR A 208 8.21 12.59 -23.29
N PRO A 209 8.62 11.39 -22.88
CA PRO A 209 8.26 10.22 -23.69
C PRO A 209 6.73 10.09 -23.82
N LYS A 210 6.26 9.24 -24.72
CA LYS A 210 4.85 8.83 -24.72
C LYS A 210 4.56 8.19 -23.35
N MET A 211 3.49 8.62 -22.69
CA MET A 211 3.25 8.19 -21.30
C MET A 211 1.84 8.51 -20.92
N SER A 212 1.40 7.96 -19.78
CA SER A 212 0.05 8.14 -19.27
C SER A 212 -0.06 9.47 -18.51
N THR A 213 -1.25 10.06 -18.53
CA THR A 213 -1.50 11.34 -17.86
C THR A 213 -1.25 11.26 -16.34
N TYR A 214 -1.47 10.07 -15.77
CA TYR A 214 -1.39 9.93 -14.31
C TYR A 214 0.05 10.03 -13.79
N LEU A 215 1.02 10.01 -14.70
CA LEU A 215 2.44 10.07 -14.34
C LEU A 215 3.10 11.45 -14.44
N LEU A 216 2.30 12.47 -14.77
CA LEU A 216 2.79 13.84 -14.86
C LEU A 216 2.97 14.44 -13.47
N ALA A 217 4.04 15.23 -13.30
CA ALA A 217 4.28 15.96 -12.05
C ALA A 217 4.77 17.39 -12.32
N PHE A 218 4.28 18.35 -11.53
CA PHE A 218 4.65 19.76 -11.68
C PHE A 218 4.93 20.28 -10.29
N ILE A 219 6.15 20.76 -10.01
CA ILE A 219 6.47 21.22 -8.64
C ILE A 219 7.17 22.59 -8.65
N VAL A 220 6.74 23.49 -7.77
CA VAL A 220 7.39 24.81 -7.59
C VAL A 220 7.71 24.96 -6.09
N SER A 221 9.00 25.14 -5.76
CA SER A 221 9.42 25.22 -4.37
C SER A 221 10.75 25.96 -4.27
N GLU A 222 11.21 26.17 -3.05
CA GLU A 222 12.60 26.53 -2.82
C GLU A 222 13.40 25.40 -2.16
N PHE A 223 13.08 24.15 -2.48
CA PHE A 223 13.82 23.00 -1.92
C PHE A 223 15.28 22.99 -2.32
N ASP A 224 16.12 22.37 -1.50
CA ASP A 224 17.50 22.09 -1.86
C ASP A 224 17.62 20.62 -2.20
N TYR A 225 18.81 20.20 -2.64
CA TYR A 225 19.00 18.80 -3.01
C TYR A 225 20.43 18.39 -2.79
N VAL A 226 20.65 17.08 -2.74
CA VAL A 226 21.97 16.49 -2.93
C VAL A 226 21.89 15.70 -4.24
N GLU A 227 23.03 15.42 -4.89
CA GLU A 227 22.96 14.79 -6.21
C GLU A 227 24.15 13.92 -6.48
N LYS A 228 23.95 12.95 -7.37
CA LYS A 228 25.01 12.04 -7.76
C LYS A 228 24.59 11.36 -9.04
N GLN A 229 25.52 11.28 -9.98
CA GLN A 229 25.24 10.55 -11.21
C GLN A 229 25.32 9.05 -10.92
N ALA A 230 24.27 8.31 -11.29
CA ALA A 230 24.26 6.87 -11.05
C ALA A 230 25.17 6.18 -12.07
N SER A 231 25.57 4.94 -11.78
CA SER A 231 26.53 4.24 -12.64
C SER A 231 25.99 3.94 -14.05
N ASN A 232 24.71 4.19 -14.31
CA ASN A 232 24.18 4.06 -15.65
C ASN A 232 24.04 5.41 -16.33
N GLY A 233 24.72 6.42 -15.78
CA GLY A 233 24.73 7.77 -16.34
C GLY A 233 23.50 8.62 -16.05
N VAL A 234 22.54 8.07 -15.32
CA VAL A 234 21.35 8.83 -14.98
C VAL A 234 21.63 9.75 -13.80
N LEU A 235 21.19 11.00 -13.89
CA LEU A 235 21.35 11.94 -12.79
C LEU A 235 20.26 11.72 -11.70
N ILE A 236 20.69 11.47 -10.47
CA ILE A 236 19.79 11.35 -9.31
C ILE A 236 19.96 12.59 -8.42
N ARG A 237 18.83 13.21 -8.06
CA ARG A 237 18.84 14.29 -7.07
C ARG A 237 17.78 13.94 -6.03
N ILE A 238 18.08 14.23 -4.76
CA ILE A 238 17.11 14.08 -3.65
C ILE A 238 16.77 15.49 -3.17
N TRP A 239 15.51 15.88 -3.29
CA TRP A 239 15.09 17.24 -3.03
C TRP A 239 14.23 17.24 -1.78
N ALA A 240 14.42 18.21 -0.91
CA ALA A 240 13.56 18.30 0.27
C ALA A 240 13.69 19.71 0.86
N ARG A 241 12.91 20.00 1.90
CA ARG A 241 13.01 21.31 2.56
C ARG A 241 14.48 21.63 2.91
N PRO A 242 14.88 22.89 2.76
CA PRO A 242 16.30 23.17 2.94
C PRO A 242 16.91 22.65 4.25
N SER A 243 16.18 22.74 5.35
CA SER A 243 16.75 22.32 6.64
C SER A 243 17.07 20.81 6.69
N ALA A 244 16.22 19.99 6.07
CA ALA A 244 16.44 18.54 6.02
C ALA A 244 17.69 18.22 5.20
N ILE A 245 17.82 18.87 4.06
CA ILE A 245 18.95 18.62 3.17
C ILE A 245 20.26 19.01 3.85
N ALA A 246 20.29 20.21 4.46
CA ALA A 246 21.48 20.70 5.20
C ALA A 246 21.82 19.77 6.37
N ALA A 247 20.80 19.21 7.00
CA ALA A 247 21.01 18.26 8.11
C ALA A 247 21.55 16.90 7.62
N GLY A 248 21.62 16.70 6.31
CA GLY A 248 22.09 15.44 5.74
C GLY A 248 21.02 14.33 5.63
N HIS A 249 19.77 14.69 5.82
CA HIS A 249 18.69 13.71 5.92
C HIS A 249 18.31 13.07 4.56
N GLY A 250 18.80 13.64 3.46
CA GLY A 250 18.64 13.04 2.14
C GLY A 250 19.77 12.08 1.76
N ASP A 251 20.79 11.96 2.62
CA ASP A 251 22.01 11.23 2.23
C ASP A 251 21.78 9.73 2.06
N TYR A 252 20.97 9.14 2.92
CA TYR A 252 20.66 7.70 2.77
C TYR A 252 19.95 7.41 1.44
N ALA A 253 18.93 8.19 1.11
CA ALA A 253 18.25 8.07 -0.18
C ALA A 253 19.24 8.17 -1.35
N LEU A 254 20.17 9.12 -1.28
CA LEU A 254 21.20 9.26 -2.31
C LEU A 254 22.09 8.04 -2.37
N ASN A 255 22.34 7.40 -1.22
CA ASN A 255 23.15 6.20 -1.20
C ASN A 255 22.52 5.02 -1.93
N VAL A 256 21.20 4.91 -1.91
CA VAL A 256 20.55 3.69 -2.44
C VAL A 256 19.87 3.86 -3.81
N THR A 257 19.47 5.08 -4.16
CA THR A 257 18.57 5.30 -5.30
C THR A 257 19.22 4.93 -6.65
N GLY A 258 20.36 5.58 -6.93
CA GLY A 258 21.05 5.32 -8.18
C GLY A 258 21.45 3.85 -8.28
N PRO A 259 22.05 3.30 -7.21
CA PRO A 259 22.41 1.89 -7.33
C PRO A 259 21.21 0.95 -7.54
N ILE A 260 20.06 1.23 -6.92
CA ILE A 260 18.86 0.39 -7.18
C ILE A 260 18.36 0.57 -8.64
N LEU A 261 18.37 1.80 -9.13
CA LEU A 261 17.93 2.05 -10.50
C LEU A 261 18.80 1.25 -11.47
N ASN A 262 20.12 1.32 -11.26
CA ASN A 262 21.06 0.56 -12.09
C ASN A 262 20.88 -0.94 -11.98
N PHE A 263 20.62 -1.40 -10.75
CA PHE A 263 20.36 -2.83 -10.53
C PHE A 263 19.15 -3.31 -11.33
N PHE A 264 18.05 -2.54 -11.32
CA PHE A 264 16.84 -2.92 -12.07
C PHE A 264 17.08 -2.90 -13.59
N ALA A 265 17.79 -1.86 -14.06
CA ALA A 265 18.13 -1.75 -15.48
C ALA A 265 18.89 -2.98 -15.94
N GLY A 266 19.84 -3.44 -15.12
CA GLY A 266 20.61 -4.67 -15.37
C GLY A 266 19.78 -5.95 -15.28
N HIS A 267 19.03 -6.10 -14.18
CA HIS A 267 18.24 -7.31 -13.94
C HIS A 267 17.21 -7.57 -15.05
N TYR A 268 16.60 -6.49 -15.58
CA TYR A 268 15.55 -6.60 -16.57
C TYR A 268 16.04 -6.32 -18.00
N ASP A 269 17.36 -6.12 -18.12
CA ASP A 269 18.03 -5.89 -19.39
C ASP A 269 17.34 -4.80 -20.20
N THR A 270 16.94 -3.72 -19.52
CA THR A 270 16.11 -2.67 -20.11
C THR A 270 16.52 -1.35 -19.50
N PRO A 271 17.16 -0.47 -20.30
CA PRO A 271 17.68 0.76 -19.71
C PRO A 271 16.55 1.67 -19.22
N TYR A 272 16.86 2.51 -18.23
CA TYR A 272 16.00 3.64 -17.90
C TYR A 272 16.30 4.72 -18.94
N PRO A 273 15.26 5.21 -19.65
CA PRO A 273 15.55 6.04 -20.83
C PRO A 273 15.62 7.56 -20.63
N LEU A 274 15.37 8.03 -19.41
CA LEU A 274 15.31 9.47 -19.15
C LEU A 274 16.66 9.93 -18.64
N PRO A 275 16.94 11.23 -18.75
CA PRO A 275 18.25 11.72 -18.33
C PRO A 275 18.39 11.82 -16.81
N LYS A 276 17.27 11.92 -16.11
CA LYS A 276 17.33 11.99 -14.66
C LYS A 276 16.14 11.32 -13.94
N SER A 277 16.36 11.02 -12.65
CA SER A 277 15.29 10.63 -11.78
C SER A 277 15.42 11.41 -10.46
N ASP A 278 14.63 12.47 -10.31
CA ASP A 278 14.56 13.24 -9.08
C ASP A 278 13.69 12.51 -8.07
N GLN A 279 14.13 12.50 -6.81
CA GLN A 279 13.28 12.04 -5.69
C GLN A 279 13.00 13.28 -4.84
N ILE A 280 11.73 13.53 -4.51
CA ILE A 280 11.40 14.74 -3.77
C ILE A 280 10.42 14.45 -2.62
N GLY A 281 10.71 15.00 -1.43
CA GLY A 281 9.88 14.71 -0.25
C GLY A 281 8.98 15.88 0.10
N LEU A 282 7.68 15.65 0.16
CA LEU A 282 6.69 16.73 0.34
C LEU A 282 6.14 16.68 1.76
N PRO A 283 5.96 17.87 2.40
CA PRO A 283 5.38 17.94 3.76
C PRO A 283 3.92 17.47 3.80
N ASP A 284 3.20 17.60 2.69
CA ASP A 284 1.82 17.09 2.63
C ASP A 284 1.66 16.18 1.42
N PHE A 285 1.29 14.94 1.70
CA PHE A 285 1.24 13.92 0.64
C PHE A 285 0.27 12.84 1.07
N ASN A 286 -0.64 12.45 0.19
CA ASN A 286 -1.76 11.52 0.53
C ASN A 286 -1.27 10.09 0.79
N ALA A 287 -0.68 9.49 -0.23
CA ALA A 287 -0.15 8.13 -0.11
C ALA A 287 1.28 8.11 0.47
N GLY A 288 1.98 7.00 0.25
CA GLY A 288 3.38 6.89 0.66
C GLY A 288 4.36 7.58 -0.28
N ALA A 289 4.15 7.39 -1.58
CA ALA A 289 5.04 7.93 -2.62
C ALA A 289 4.31 7.75 -3.93
N MET A 290 4.82 8.39 -4.99
CA MET A 290 4.21 8.31 -6.32
C MET A 290 5.27 8.31 -7.41
N GLU A 291 5.18 7.34 -8.32
CA GLU A 291 6.30 7.00 -9.21
C GLU A 291 6.39 7.90 -10.45
N ASN A 292 5.96 9.15 -10.34
CA ASN A 292 5.92 10.03 -11.54
C ASN A 292 7.22 9.93 -12.33
N TRP A 293 7.12 9.82 -13.65
CA TRP A 293 8.26 9.36 -14.43
C TRP A 293 9.26 10.50 -14.56
N GLY A 294 10.39 10.37 -13.89
CA GLY A 294 11.40 11.43 -13.82
C GLY A 294 11.32 12.33 -12.57
N LEU A 295 10.23 12.24 -11.81
CA LEU A 295 10.06 13.11 -10.62
C LEU A 295 9.17 12.35 -9.61
N VAL A 296 9.81 11.45 -8.89
CA VAL A 296 9.12 10.57 -7.97
C VAL A 296 8.92 11.35 -6.66
N THR A 297 7.67 11.43 -6.20
CA THR A 297 7.32 12.22 -5.00
C THR A 297 7.15 11.25 -3.82
N TYR A 298 7.40 11.73 -2.59
CA TYR A 298 7.34 10.91 -1.38
C TYR A 298 6.77 11.74 -0.23
N ARG A 299 6.09 11.10 0.70
CA ARG A 299 6.04 11.67 2.06
C ARG A 299 7.47 11.89 2.54
N GLU A 300 7.71 13.04 3.17
CA GLU A 300 9.00 13.27 3.85
C GLU A 300 9.46 12.08 4.65
N ASN A 301 8.51 11.43 5.32
CA ASN A 301 8.77 10.29 6.22
C ASN A 301 9.31 9.06 5.54
N SER A 302 9.08 8.95 4.23
CA SER A 302 9.48 7.78 3.47
C SER A 302 10.70 7.97 2.59
N LEU A 303 11.29 9.16 2.61
CA LEU A 303 12.44 9.50 1.80
C LEU A 303 13.61 9.93 2.67
N LEU A 304 13.32 10.81 3.63
CA LEU A 304 14.34 11.37 4.51
C LEU A 304 14.64 10.35 5.61
N PHE A 305 15.83 10.43 6.19
CA PHE A 305 16.30 9.49 7.18
C PHE A 305 17.35 10.19 8.03
N ASP A 306 17.15 10.17 9.34
CA ASP A 306 18.15 10.72 10.26
C ASP A 306 18.82 9.56 11.06
N PRO A 307 20.10 9.25 10.76
CA PRO A 307 20.72 8.11 11.44
C PRO A 307 20.81 8.22 12.95
N LEU A 308 20.57 9.40 13.51
CA LEU A 308 20.67 9.59 14.97
C LEU A 308 19.31 9.60 15.65
N SER A 309 18.22 9.63 14.87
CA SER A 309 16.89 9.57 15.50
C SER A 309 15.87 8.64 14.84
N SER A 310 16.08 8.27 13.56
CA SER A 310 15.17 7.33 12.87
C SER A 310 15.50 5.89 13.27
N SER A 311 14.49 5.01 13.32
CA SER A 311 14.71 3.63 13.70
C SER A 311 15.21 2.79 12.51
N SER A 312 15.66 1.57 12.80
CA SER A 312 15.96 0.60 11.75
C SER A 312 14.76 0.28 10.88
N SER A 313 13.59 0.19 11.49
CA SER A 313 12.36 0.00 10.72
C SER A 313 12.08 1.21 9.77
N ASN A 314 12.32 2.42 10.25
CA ASN A 314 12.24 3.61 9.38
C ASN A 314 13.23 3.49 8.18
N LYS A 315 14.44 3.00 8.45
CA LYS A 315 15.45 2.83 7.39
C LYS A 315 14.98 1.79 6.36
N GLU A 316 14.47 0.66 6.84
CA GLU A 316 13.85 -0.34 5.95
C GLU A 316 12.74 0.31 5.11
N ARG A 317 11.86 1.10 5.73
CA ARG A 317 10.81 1.81 4.97
C ARG A 317 11.33 2.68 3.81
N VAL A 318 12.35 3.49 4.08
CA VAL A 318 12.96 4.32 3.06
C VAL A 318 13.44 3.47 1.86
N VAL A 319 14.27 2.46 2.11
CA VAL A 319 14.86 1.74 1.00
C VAL A 319 13.80 0.92 0.23
N THR A 320 12.78 0.41 0.94
CA THR A 320 11.77 -0.39 0.29
C THR A 320 10.81 0.49 -0.54
N VAL A 321 10.46 1.67 -0.05
CA VAL A 321 9.57 2.58 -0.77
C VAL A 321 10.31 3.10 -2.02
N ILE A 322 11.57 3.52 -1.86
CA ILE A 322 12.37 3.89 -3.03
C ILE A 322 12.39 2.73 -4.07
N ALA A 323 12.73 1.53 -3.61
CA ALA A 323 12.75 0.33 -4.48
C ALA A 323 11.41 0.11 -5.21
N HIS A 324 10.30 0.26 -4.49
CA HIS A 324 8.99 0.11 -5.10
C HIS A 324 8.74 1.17 -6.20
N GLU A 325 9.07 2.42 -5.87
CA GLU A 325 8.88 3.48 -6.86
C GLU A 325 9.82 3.30 -8.07
N LEU A 326 11.04 2.84 -7.84
CA LEU A 326 11.96 2.62 -8.94
C LEU A 326 11.51 1.41 -9.79
N ALA A 327 10.98 0.37 -9.14
CA ALA A 327 10.42 -0.78 -9.87
C ALA A 327 9.40 -0.29 -10.87
N HIS A 328 8.58 0.68 -10.47
CA HIS A 328 7.55 1.21 -11.35
C HIS A 328 8.06 1.86 -12.63
N GLN A 329 9.33 2.31 -12.66
CA GLN A 329 9.82 2.97 -13.87
C GLN A 329 9.69 1.99 -15.04
N TRP A 330 9.87 0.71 -14.73
CA TRP A 330 9.66 -0.39 -15.68
C TRP A 330 8.21 -0.85 -15.67
N PHE A 331 7.75 -1.33 -14.50
CA PHE A 331 6.38 -1.88 -14.38
C PHE A 331 5.39 -0.81 -13.96
N GLY A 332 4.95 -0.05 -14.94
CA GLY A 332 3.95 0.98 -14.79
C GLY A 332 4.19 2.16 -15.70
N ASN A 333 5.46 2.61 -15.81
CA ASN A 333 5.74 3.84 -16.61
C ASN A 333 6.08 3.48 -18.05
N LEU A 334 7.13 2.68 -18.23
CA LEU A 334 7.57 2.27 -19.56
C LEU A 334 6.49 1.36 -20.16
N VAL A 335 6.05 0.37 -19.37
CA VAL A 335 4.92 -0.48 -19.72
C VAL A 335 3.80 -0.24 -18.69
N THR A 336 2.60 0.06 -19.18
CA THR A 336 1.49 0.53 -18.32
C THR A 336 0.29 -0.36 -18.50
N ILE A 337 -0.41 -0.67 -17.41
CA ILE A 337 -1.73 -1.29 -17.47
C ILE A 337 -2.63 -0.61 -18.52
N GLU A 338 -3.39 -1.45 -19.24
CA GLU A 338 -4.41 -0.98 -20.17
C GLU A 338 -5.55 -0.26 -19.43
N TRP A 339 -5.91 -0.79 -18.27
CA TRP A 339 -6.98 -0.19 -17.47
C TRP A 339 -6.79 -0.68 -16.04
N TRP A 340 -7.41 0.02 -15.09
CA TRP A 340 -7.20 -0.19 -13.67
C TRP A 340 -7.63 -1.54 -13.11
N ASN A 341 -8.47 -2.28 -13.84
CA ASN A 341 -8.89 -3.61 -13.39
C ASN A 341 -7.70 -4.59 -13.29
N ASP A 342 -6.63 -4.29 -14.00
CA ASP A 342 -5.41 -5.11 -14.02
C ASP A 342 -4.31 -4.38 -13.24
N LEU A 343 -4.70 -3.56 -12.24
CA LEU A 343 -3.72 -2.77 -11.45
C LEU A 343 -2.49 -3.58 -10.99
N TRP A 344 -2.70 -4.83 -10.61
CA TRP A 344 -1.59 -5.65 -10.09
C TRP A 344 -0.38 -5.73 -11.02
N LEU A 345 -0.59 -5.51 -12.33
CA LEU A 345 0.52 -5.51 -13.29
C LEU A 345 1.45 -4.33 -13.02
N ASN A 346 0.89 -3.23 -12.52
CA ASN A 346 1.74 -2.15 -11.94
C ASN A 346 2.18 -2.46 -10.48
N GLU A 347 1.22 -2.50 -9.57
CA GLU A 347 1.52 -2.46 -8.12
C GLU A 347 1.93 -3.81 -7.55
N GLY A 348 1.47 -4.93 -8.16
CA GLY A 348 1.87 -6.29 -7.68
C GLY A 348 3.32 -6.50 -8.07
N PHE A 349 3.66 -6.10 -9.30
CA PHE A 349 5.06 -6.13 -9.70
C PHE A 349 5.93 -5.22 -8.84
N ALA A 350 5.51 -3.98 -8.63
CA ALA A 350 6.32 -3.06 -7.79
C ALA A 350 6.50 -3.64 -6.38
N SER A 351 5.46 -4.32 -5.86
CA SER A 351 5.51 -4.86 -4.47
C SER A 351 6.41 -6.07 -4.38
N TYR A 352 6.48 -6.87 -5.45
CA TYR A 352 7.43 -7.99 -5.53
C TYR A 352 8.87 -7.48 -5.79
N VAL A 353 9.04 -6.74 -6.87
CA VAL A 353 10.37 -6.27 -7.31
C VAL A 353 11.03 -5.33 -6.28
N GLU A 354 10.24 -4.59 -5.51
CA GLU A 354 10.78 -3.76 -4.42
C GLU A 354 11.73 -4.57 -3.51
N TYR A 355 11.42 -5.83 -3.23
CA TYR A 355 12.30 -6.62 -2.37
C TYR A 355 13.63 -6.97 -3.05
N LEU A 356 13.59 -7.17 -4.36
CA LEU A 356 14.83 -7.46 -5.07
C LEU A 356 15.76 -6.25 -5.03
N GLY A 357 15.21 -5.07 -5.27
CA GLY A 357 16.00 -3.84 -5.22
C GLY A 357 16.47 -3.49 -3.81
N ALA A 358 15.58 -3.57 -2.83
CA ALA A 358 15.97 -3.34 -1.43
C ALA A 358 17.04 -4.36 -0.98
N ASP A 359 16.94 -5.62 -1.42
CA ASP A 359 17.93 -6.64 -1.06
C ASP A 359 19.28 -6.36 -1.74
N TYR A 360 19.25 -5.81 -2.97
CA TYR A 360 20.47 -5.40 -3.66
C TYR A 360 21.22 -4.33 -2.86
N ALA A 361 20.50 -3.30 -2.44
CA ALA A 361 21.08 -2.20 -1.65
C ALA A 361 21.49 -2.63 -0.22
N GLU A 362 20.75 -3.54 0.37
CA GLU A 362 21.03 -3.93 1.76
C GLU A 362 21.06 -5.44 1.91
N PRO A 363 22.12 -6.10 1.37
CA PRO A 363 22.08 -7.54 1.30
C PRO A 363 22.14 -8.26 2.66
N THR A 364 22.62 -7.58 3.72
CA THR A 364 22.72 -8.23 5.02
C THR A 364 21.38 -8.29 5.75
N TRP A 365 20.36 -7.58 5.25
CA TRP A 365 19.10 -7.54 6.02
C TRP A 365 18.20 -8.76 5.77
N ASN A 366 18.46 -9.50 4.69
CA ASN A 366 17.62 -10.65 4.29
C ASN A 366 16.15 -10.26 4.20
N LEU A 367 15.87 -9.12 3.58
CA LEU A 367 14.51 -8.60 3.47
C LEU A 367 13.51 -9.49 2.70
N LYS A 368 13.98 -10.26 1.72
CA LYS A 368 13.08 -11.10 0.88
C LYS A 368 12.27 -12.09 1.68
N ASP A 369 12.83 -12.60 2.77
CA ASP A 369 12.09 -13.49 3.65
C ASP A 369 10.83 -12.86 4.24
N LEU A 370 10.84 -11.53 4.37
CA LEU A 370 9.71 -10.84 5.03
C LEU A 370 8.45 -10.77 4.18
N MET A 371 8.58 -11.08 2.88
CA MET A 371 7.43 -11.20 2.00
C MET A 371 6.34 -12.08 2.54
N VAL A 372 6.70 -13.15 3.24
CA VAL A 372 5.71 -14.07 3.77
C VAL A 372 4.79 -13.36 4.78
N LEU A 373 5.37 -12.56 5.67
CA LEU A 373 4.55 -11.84 6.65
C LEU A 373 3.92 -10.58 6.04
N ASN A 374 4.74 -9.80 5.35
CA ASN A 374 4.30 -8.49 4.84
C ASN A 374 3.34 -8.56 3.68
N ASP A 375 3.36 -9.66 2.94
CA ASP A 375 2.48 -9.78 1.78
C ASP A 375 1.56 -10.99 1.80
N VAL A 376 2.13 -12.19 1.85
CA VAL A 376 1.36 -13.43 1.76
C VAL A 376 0.29 -13.47 2.85
N TYR A 377 0.72 -13.44 4.12
CA TYR A 377 -0.20 -13.56 5.26
C TYR A 377 -1.08 -12.31 5.44
N ARG A 378 -0.52 -11.16 5.08
CA ARG A 378 -1.30 -9.92 5.07
C ARG A 378 -2.54 -10.05 4.15
N VAL A 379 -2.36 -10.42 2.88
CA VAL A 379 -3.50 -10.50 1.95
C VAL A 379 -4.39 -11.75 2.20
N MET A 380 -3.83 -12.82 2.75
CA MET A 380 -4.66 -14.03 2.91
C MET A 380 -5.86 -13.81 3.80
N ALA A 381 -5.79 -12.85 4.74
CA ALA A 381 -6.92 -12.51 5.63
C ALA A 381 -8.12 -12.03 4.81
N VAL A 382 -7.92 -11.08 3.92
CA VAL A 382 -9.04 -10.60 3.12
C VAL A 382 -9.43 -11.61 2.00
N ASP A 383 -8.43 -12.29 1.45
CA ASP A 383 -8.68 -13.22 0.31
C ASP A 383 -9.32 -14.54 0.74
N ALA A 384 -9.59 -14.72 2.04
CA ALA A 384 -10.33 -15.87 2.53
C ALA A 384 -11.79 -15.50 2.77
N LEU A 385 -12.20 -14.33 2.26
CA LEU A 385 -13.62 -13.95 2.31
C LEU A 385 -14.30 -14.23 0.98
N ALA A 386 -15.60 -14.55 1.05
CA ALA A 386 -16.46 -14.67 -0.11
C ALA A 386 -16.56 -13.31 -0.83
N SER A 387 -16.35 -12.22 -0.10
CA SER A 387 -16.39 -10.89 -0.71
C SER A 387 -15.02 -10.32 -1.11
N SER A 388 -14.03 -11.18 -1.30
CA SER A 388 -12.77 -10.75 -1.91
C SER A 388 -13.00 -10.56 -3.43
N HIS A 389 -11.93 -10.36 -4.21
CA HIS A 389 -12.04 -10.13 -5.66
C HIS A 389 -10.79 -10.65 -6.34
N PRO A 390 -10.89 -11.04 -7.64
CA PRO A 390 -9.73 -11.63 -8.32
C PRO A 390 -8.64 -10.58 -8.52
N LEU A 391 -7.42 -11.04 -8.65
CA LEU A 391 -6.32 -10.18 -9.03
C LEU A 391 -6.63 -9.28 -10.28
N SER A 392 -7.16 -9.92 -11.33
CA SER A 392 -7.66 -9.20 -12.51
C SER A 392 -9.20 -9.22 -12.49
N THR A 393 -9.82 -8.11 -12.08
CA THR A 393 -11.27 -7.99 -12.05
C THR A 393 -11.73 -7.76 -13.49
N PRO A 394 -12.91 -8.27 -13.89
CA PRO A 394 -13.42 -7.92 -15.23
C PRO A 394 -13.41 -6.37 -15.46
N ALA A 395 -12.88 -5.94 -16.60
CA ALA A 395 -12.71 -4.50 -16.87
C ALA A 395 -14.03 -3.75 -16.82
N SER A 396 -15.09 -4.42 -17.25
CA SER A 396 -16.42 -3.86 -17.28
C SER A 396 -16.97 -3.47 -15.89
N GLU A 397 -16.44 -4.04 -14.81
CA GLU A 397 -16.87 -3.70 -13.44
C GLU A 397 -16.22 -2.46 -12.86
N ILE A 398 -15.16 -1.97 -13.49
CA ILE A 398 -14.31 -0.92 -12.90
C ILE A 398 -14.46 0.33 -13.78
N ASN A 399 -15.27 1.27 -13.32
CA ASN A 399 -15.70 2.40 -14.14
C ASN A 399 -15.50 3.75 -13.49
N THR A 400 -15.88 3.86 -12.23
CA THR A 400 -15.82 5.15 -11.53
C THR A 400 -14.50 5.40 -10.82
N PRO A 401 -14.19 6.68 -10.53
CA PRO A 401 -12.97 6.95 -9.78
C PRO A 401 -12.94 6.24 -8.41
N ALA A 402 -14.10 6.15 -7.72
CA ALA A 402 -14.20 5.37 -6.47
C ALA A 402 -13.84 3.89 -6.65
N GLN A 403 -14.37 3.26 -7.71
CA GLN A 403 -14.13 1.85 -7.95
C GLN A 403 -12.66 1.63 -8.31
N ILE A 404 -12.10 2.60 -9.02
CA ILE A 404 -10.67 2.56 -9.36
C ILE A 404 -9.79 2.65 -8.08
N SER A 405 -10.05 3.68 -7.27
CA SER A 405 -9.27 3.89 -6.04
C SER A 405 -9.32 2.70 -5.11
N GLU A 406 -10.50 2.08 -5.04
CA GLU A 406 -10.74 0.92 -4.18
C GLU A 406 -9.82 -0.26 -4.51
N LEU A 407 -9.47 -0.41 -5.79
CA LEU A 407 -8.54 -1.47 -6.23
C LEU A 407 -7.11 -1.32 -5.76
N PHE A 408 -6.72 -0.13 -5.29
CA PHE A 408 -5.40 0.01 -4.67
C PHE A 408 -5.44 -0.61 -3.27
N ASP A 409 -5.36 -1.93 -3.23
CA ASP A 409 -5.74 -2.67 -2.01
C ASP A 409 -4.81 -3.84 -1.83
N ALA A 410 -5.07 -4.68 -0.80
CA ALA A 410 -4.13 -5.74 -0.47
C ALA A 410 -4.05 -6.76 -1.61
N ILE A 411 -5.14 -6.93 -2.36
CA ILE A 411 -5.14 -7.90 -3.50
C ILE A 411 -4.14 -7.44 -4.57
N SER A 412 -4.35 -6.22 -5.08
CA SER A 412 -3.51 -5.72 -6.17
C SER A 412 -2.04 -5.64 -5.75
N TYR A 413 -1.77 -5.25 -4.50
CA TYR A 413 -0.40 -5.09 -4.05
C TYR A 413 0.15 -6.43 -3.55
N SER A 414 -0.38 -6.96 -2.46
CA SER A 414 0.29 -8.07 -1.78
C SER A 414 -0.05 -9.42 -2.43
N LYS A 415 -1.29 -9.59 -2.88
CA LYS A 415 -1.58 -10.87 -3.62
C LYS A 415 -0.81 -10.86 -4.93
N GLY A 416 -0.84 -9.73 -5.65
CA GLY A 416 0.05 -9.55 -6.81
C GLY A 416 1.48 -9.98 -6.55
N ALA A 417 2.09 -9.43 -5.49
CA ALA A 417 3.47 -9.79 -5.11
C ALA A 417 3.62 -11.29 -4.77
N SER A 418 2.62 -11.85 -4.09
CA SER A 418 2.67 -13.25 -3.64
C SER A 418 2.62 -14.21 -4.83
N VAL A 419 1.78 -13.88 -5.80
CA VAL A 419 1.60 -14.74 -6.98
C VAL A 419 2.88 -14.67 -7.84
N LEU A 420 3.50 -13.48 -7.89
CA LEU A 420 4.78 -13.31 -8.61
C LEU A 420 5.94 -14.04 -7.95
N ARG A 421 5.96 -14.02 -6.61
CA ARG A 421 6.92 -14.78 -5.82
C ARG A 421 6.76 -16.28 -6.10
N MET A 422 5.52 -16.78 -6.16
CA MET A 422 5.29 -18.18 -6.48
C MET A 422 5.79 -18.51 -7.90
N LEU A 423 5.42 -17.66 -8.84
CA LEU A 423 5.76 -17.82 -10.24
C LEU A 423 7.27 -17.87 -10.42
N SER A 424 7.98 -16.89 -9.82
CA SER A 424 9.43 -16.86 -9.90
C SER A 424 10.03 -18.11 -9.28
N SER A 425 9.46 -18.58 -8.17
CA SER A 425 9.92 -19.81 -7.54
C SER A 425 9.79 -21.04 -8.46
N PHE A 426 8.65 -21.25 -9.10
CA PHE A 426 8.53 -22.48 -9.93
C PHE A 426 9.23 -22.36 -11.31
N LEU A 427 9.42 -21.14 -11.82
CA LEU A 427 10.18 -20.93 -13.05
C LEU A 427 11.69 -20.82 -12.85
N SER A 428 12.10 -20.42 -11.63
CA SER A 428 13.41 -19.75 -11.33
C SER A 428 13.40 -18.27 -11.76
N GLU A 429 14.01 -17.42 -10.93
CA GLU A 429 14.12 -16.00 -11.26
C GLU A 429 14.86 -15.78 -12.59
N ASP A 430 15.85 -16.63 -12.91
CA ASP A 430 16.57 -16.49 -14.20
C ASP A 430 15.61 -16.56 -15.37
N VAL A 431 14.72 -17.54 -15.33
CA VAL A 431 13.74 -17.74 -16.41
C VAL A 431 12.67 -16.64 -16.38
N PHE A 432 12.20 -16.32 -15.18
CA PHE A 432 11.21 -15.25 -14.96
C PHE A 432 11.69 -13.92 -15.56
N LYS A 433 12.91 -13.52 -15.21
CA LYS A 433 13.43 -12.22 -15.65
C LYS A 433 13.68 -12.17 -17.17
N GLN A 434 14.01 -13.31 -17.76
CA GLN A 434 14.16 -13.46 -19.23
C GLN A 434 12.83 -13.16 -19.91
N GLY A 435 11.74 -13.73 -19.39
CA GLY A 435 10.41 -13.47 -19.94
C GLY A 435 9.96 -12.02 -19.75
N LEU A 436 10.27 -11.47 -18.57
CA LEU A 436 10.02 -10.07 -18.27
C LEU A 436 10.81 -9.13 -19.18
N ALA A 437 12.08 -9.43 -19.45
CA ALA A 437 12.86 -8.61 -20.39
C ALA A 437 12.16 -8.52 -21.75
N SER A 438 11.63 -9.66 -22.22
CA SER A 438 10.97 -9.75 -23.52
C SER A 438 9.65 -8.95 -23.47
N TYR A 439 8.91 -9.11 -22.36
CA TYR A 439 7.66 -8.35 -22.11
C TYR A 439 7.95 -6.83 -22.18
N LEU A 440 8.96 -6.39 -21.45
CA LEU A 440 9.28 -4.94 -21.41
C LEU A 440 9.72 -4.41 -22.77
N HIS A 441 10.58 -5.17 -23.45
CA HIS A 441 11.02 -4.75 -24.78
C HIS A 441 9.85 -4.60 -25.75
N THR A 442 8.98 -5.60 -25.77
CA THR A 442 7.88 -5.60 -26.71
C THR A 442 6.86 -4.51 -26.45
N PHE A 443 6.53 -4.26 -25.18
CA PHE A 443 5.45 -3.32 -24.88
C PHE A 443 5.92 -1.96 -24.39
N ALA A 444 7.20 -1.66 -24.57
CA ALA A 444 7.76 -0.35 -24.17
C ALA A 444 6.95 0.79 -24.78
N TYR A 445 6.57 1.75 -23.95
CA TYR A 445 5.73 2.91 -24.34
C TYR A 445 4.32 2.54 -24.77
N GLN A 446 3.86 1.35 -24.36
CA GLN A 446 2.54 0.87 -24.68
C GLN A 446 1.82 0.37 -23.40
N ASN A 447 0.70 -0.33 -23.58
CA ASN A 447 -0.15 -0.80 -22.46
C ASN A 447 -0.42 -2.30 -22.56
N THR A 448 -0.59 -2.95 -21.41
CA THR A 448 -0.75 -4.40 -21.39
C THR A 448 -1.96 -4.86 -20.54
N ILE A 449 -2.39 -6.09 -20.83
CA ILE A 449 -3.29 -6.83 -19.99
C ILE A 449 -2.54 -8.09 -19.54
N TYR A 450 -3.16 -8.82 -18.61
CA TYR A 450 -2.51 -9.97 -17.96
C TYR A 450 -2.09 -11.03 -19.00
N LEU A 451 -2.88 -11.19 -20.07
CA LEU A 451 -2.55 -12.19 -21.10
C LEU A 451 -1.22 -11.92 -21.78
N ASN A 452 -0.90 -10.63 -21.97
CA ASN A 452 0.36 -10.24 -22.61
C ASN A 452 1.56 -10.70 -21.82
N LEU A 453 1.46 -10.60 -20.49
CA LEU A 453 2.50 -11.10 -19.62
C LEU A 453 2.70 -12.62 -19.77
N TRP A 454 1.65 -13.43 -19.71
CA TRP A 454 1.82 -14.88 -19.86
C TRP A 454 2.50 -15.25 -21.18
N ASP A 455 2.15 -14.54 -22.26
CA ASP A 455 2.75 -14.80 -23.60
C ASP A 455 4.25 -14.70 -23.58
N HIS A 456 4.77 -13.64 -22.96
CA HIS A 456 6.21 -13.46 -22.86
C HIS A 456 6.90 -14.42 -21.87
N LEU A 457 6.23 -14.76 -20.77
CA LEU A 457 6.76 -15.79 -19.87
C LEU A 457 6.77 -17.15 -20.59
N GLN A 458 5.73 -17.45 -21.37
CA GLN A 458 5.68 -18.72 -22.15
C GLN A 458 6.87 -18.80 -23.12
N GLU A 459 7.17 -17.66 -23.74
CA GLU A 459 8.29 -17.58 -24.67
C GLU A 459 9.62 -18.00 -24.03
N ALA A 460 9.87 -17.55 -22.79
CA ALA A 460 11.06 -17.94 -22.05
C ALA A 460 11.05 -19.43 -21.68
N VAL A 461 9.91 -19.90 -21.17
CA VAL A 461 9.69 -21.32 -20.83
C VAL A 461 9.99 -22.17 -22.08
N ASN A 462 9.47 -21.75 -23.22
CA ASN A 462 9.65 -22.54 -24.47
C ASN A 462 11.12 -22.52 -24.91
N ASN A 463 11.74 -21.35 -24.85
CA ASN A 463 13.18 -21.25 -25.17
C ASN A 463 14.05 -22.13 -24.28
N ARG A 464 13.66 -22.29 -23.02
CA ARG A 464 14.42 -23.11 -22.10
C ARG A 464 13.95 -24.58 -22.12
N SER A 465 13.01 -24.92 -22.99
CA SER A 465 12.45 -26.28 -23.03
C SER A 465 11.96 -26.75 -21.65
N ILE A 466 11.46 -25.82 -20.84
CA ILE A 466 10.91 -26.17 -19.52
C ILE A 466 9.54 -26.82 -19.68
N GLN A 467 9.34 -27.96 -19.00
CA GLN A 467 8.10 -28.72 -19.12
C GLN A 467 7.22 -28.45 -17.91
N LEU A 468 6.04 -27.90 -18.13
CA LEU A 468 5.09 -27.62 -17.07
C LEU A 468 3.87 -28.47 -17.36
N PRO A 469 2.94 -28.62 -16.39
CA PRO A 469 1.78 -29.49 -16.67
C PRO A 469 0.80 -28.91 -17.70
N THR A 470 0.95 -27.62 -18.00
CA THR A 470 0.18 -26.96 -19.06
C THR A 470 0.91 -25.64 -19.35
N THR A 471 0.25 -24.72 -20.04
CA THR A 471 0.89 -23.47 -20.41
C THR A 471 0.92 -22.52 -19.20
N VAL A 472 1.80 -21.52 -19.27
CA VAL A 472 1.88 -20.49 -18.21
C VAL A 472 0.52 -19.84 -18.00
N ARG A 473 -0.13 -19.48 -19.11
CA ARG A 473 -1.45 -18.88 -19.07
C ARG A 473 -2.47 -19.73 -18.29
N ASP A 474 -2.51 -21.03 -18.56
CA ASP A 474 -3.52 -21.84 -17.88
C ASP A 474 -3.17 -22.06 -16.38
N ILE A 475 -1.90 -22.20 -16.05
CA ILE A 475 -1.52 -22.24 -14.62
C ILE A 475 -1.88 -20.90 -13.95
N MET A 476 -1.44 -19.81 -14.54
CA MET A 476 -1.49 -18.53 -13.82
C MET A 476 -2.87 -17.93 -13.88
N ASN A 477 -3.64 -18.26 -14.92
CA ASN A 477 -5.05 -17.83 -14.94
C ASN A 477 -5.84 -18.30 -13.71
N ARG A 478 -5.47 -19.45 -13.16
CA ARG A 478 -6.13 -19.94 -11.95
C ARG A 478 -5.91 -19.01 -10.74
N TRP A 479 -4.77 -18.35 -10.70
CA TRP A 479 -4.38 -17.48 -9.58
C TRP A 479 -4.77 -16.02 -9.80
N THR A 480 -5.22 -15.71 -11.02
CA THR A 480 -5.43 -14.33 -11.46
C THR A 480 -6.90 -13.97 -11.70
N LEU A 481 -7.67 -14.94 -12.25
CA LEU A 481 -9.01 -14.64 -12.72
C LEU A 481 -10.09 -15.04 -11.75
N GLN A 482 -9.73 -15.86 -10.76
CA GLN A 482 -10.68 -16.18 -9.71
C GLN A 482 -10.09 -15.71 -8.37
N MET A 483 -10.93 -15.34 -7.42
CA MET A 483 -10.43 -14.84 -6.11
C MET A 483 -9.96 -16.03 -5.28
N GLY A 484 -9.29 -15.74 -4.17
CA GLY A 484 -9.10 -16.75 -3.17
C GLY A 484 -7.88 -17.60 -3.43
N PHE A 485 -7.75 -18.63 -2.62
CA PHE A 485 -6.64 -19.57 -2.67
C PHE A 485 -7.08 -20.87 -2.03
N PRO A 486 -6.36 -21.96 -2.31
CA PRO A 486 -6.78 -23.22 -1.76
C PRO A 486 -6.13 -23.51 -0.42
N VAL A 487 -6.80 -24.30 0.39
CA VAL A 487 -6.13 -25.07 1.44
C VAL A 487 -5.82 -26.44 0.87
N ILE A 488 -4.58 -26.87 1.03
CA ILE A 488 -4.14 -28.20 0.59
C ILE A 488 -4.08 -29.07 1.83
N THR A 489 -4.93 -30.10 1.88
CA THR A 489 -5.02 -30.98 3.04
C THR A 489 -4.32 -32.31 2.74
N VAL A 490 -3.39 -32.70 3.61
CA VAL A 490 -2.58 -33.90 3.41
C VAL A 490 -3.04 -35.00 4.36
N ASP A 491 -3.21 -36.22 3.84
CA ASP A 491 -3.38 -37.37 4.72
C ASP A 491 -2.08 -38.14 4.61
N THR A 492 -1.22 -37.99 5.60
CA THR A 492 0.11 -38.63 5.56
C THR A 492 0.00 -40.16 5.75
N SER A 493 -1.16 -40.67 6.15
CA SER A 493 -1.23 -42.13 6.27
C SER A 493 -1.32 -42.79 4.88
N THR A 494 -1.96 -42.10 3.93
CA THR A 494 -2.12 -42.62 2.57
C THR A 494 -1.37 -41.83 1.51
N GLY A 495 -0.84 -40.66 1.89
CA GLY A 495 -0.19 -39.80 0.93
C GLY A 495 -1.15 -39.10 -0.04
N THR A 496 -2.39 -38.88 0.40
CA THR A 496 -3.33 -38.13 -0.45
C THR A 496 -3.30 -36.62 -0.17
N LEU A 497 -3.46 -35.83 -1.22
CA LEU A 497 -3.61 -34.36 -1.14
C LEU A 497 -4.98 -34.05 -1.68
N SER A 498 -5.62 -33.05 -1.09
CA SER A 498 -6.87 -32.50 -1.61
C SER A 498 -6.82 -30.99 -1.50
N GLN A 499 -7.46 -30.31 -2.44
CA GLN A 499 -7.56 -28.86 -2.39
C GLN A 499 -9.02 -28.45 -2.37
N GLU A 500 -9.30 -27.33 -1.69
CA GLU A 500 -10.58 -26.62 -1.78
C GLU A 500 -10.32 -25.16 -1.49
N HIS A 501 -11.21 -24.31 -2.00
CA HIS A 501 -11.19 -22.87 -1.82
C HIS A 501 -11.24 -22.64 -0.31
N PHE A 502 -10.24 -21.95 0.22
CA PHE A 502 -10.20 -21.69 1.66
C PHE A 502 -11.08 -20.50 2.02
N LEU A 503 -12.05 -20.72 2.91
CA LEU A 503 -12.95 -19.65 3.34
C LEU A 503 -12.94 -19.58 4.88
N LEU A 504 -12.76 -18.37 5.43
CA LEU A 504 -12.64 -18.20 6.92
C LEU A 504 -13.95 -18.64 7.57
N ASP A 505 -15.05 -18.31 6.89
CA ASP A 505 -16.40 -18.74 7.28
C ASP A 505 -16.92 -19.77 6.26
N PRO A 506 -17.02 -21.04 6.66
CA PRO A 506 -17.63 -22.06 5.77
C PRO A 506 -19.04 -21.69 5.29
N ASP A 507 -19.79 -21.00 6.15
CA ASP A 507 -21.16 -20.62 5.81
C ASP A 507 -21.24 -19.46 4.83
N SER A 508 -20.13 -18.74 4.60
CA SER A 508 -20.19 -17.54 3.76
C SER A 508 -20.64 -17.91 2.33
N ASN A 509 -21.15 -16.94 1.58
CA ASN A 509 -21.75 -17.25 0.29
C ASN A 509 -20.96 -16.63 -0.85
N VAL A 510 -20.21 -17.47 -1.55
CA VAL A 510 -19.47 -17.06 -2.75
C VAL A 510 -20.47 -16.90 -3.89
N THR A 511 -20.72 -15.64 -4.25
CA THR A 511 -21.64 -15.34 -5.35
C THR A 511 -20.92 -15.07 -6.68
N ARG A 512 -19.62 -14.76 -6.64
CA ARG A 512 -18.85 -14.59 -7.88
C ARG A 512 -18.53 -15.95 -8.50
N PRO A 513 -19.08 -16.24 -9.71
CA PRO A 513 -18.71 -17.50 -10.35
C PRO A 513 -17.26 -17.49 -10.84
N SER A 514 -16.66 -18.68 -10.87
CA SER A 514 -15.35 -18.86 -11.47
C SER A 514 -15.47 -19.86 -12.62
N GLU A 515 -15.01 -19.47 -13.80
CA GLU A 515 -14.95 -20.44 -14.90
C GLU A 515 -13.94 -21.54 -14.58
N PHE A 516 -13.15 -21.38 -13.50
CA PHE A 516 -12.19 -22.45 -13.11
C PHE A 516 -12.65 -23.27 -11.89
N ASN A 517 -13.90 -23.04 -11.47
CA ASN A 517 -14.55 -23.83 -10.42
C ASN A 517 -13.85 -23.76 -9.05
N TYR A 518 -13.08 -22.69 -8.81
CA TYR A 518 -12.27 -22.60 -7.57
C TYR A 518 -11.39 -23.85 -7.41
N VAL A 519 -10.77 -24.26 -8.54
CA VAL A 519 -9.74 -25.30 -8.51
C VAL A 519 -8.47 -24.64 -9.03
N TRP A 520 -7.33 -24.91 -8.39
CA TRP A 520 -6.05 -24.32 -8.83
C TRP A 520 -5.09 -25.37 -9.38
N ILE A 521 -4.08 -24.89 -10.08
CA ILE A 521 -2.93 -25.70 -10.44
C ILE A 521 -1.78 -25.25 -9.54
N VAL A 522 -1.30 -26.15 -8.67
CA VAL A 522 -0.50 -25.72 -7.50
C VAL A 522 0.89 -26.38 -7.54
N PRO A 523 1.97 -25.58 -7.59
CA PRO A 523 3.31 -26.12 -7.41
C PRO A 523 3.54 -26.41 -5.91
N ILE A 524 3.84 -27.67 -5.60
CA ILE A 524 3.94 -28.09 -4.21
C ILE A 524 5.35 -28.49 -3.91
N THR A 525 6.01 -27.71 -3.07
CA THR A 525 7.32 -28.10 -2.57
C THR A 525 7.11 -28.72 -1.20
N SER A 526 8.10 -29.45 -0.69
CA SER A 526 7.91 -30.15 0.57
C SER A 526 9.22 -30.60 1.19
N ILE A 527 9.19 -30.84 2.50
CA ILE A 527 10.33 -31.39 3.21
C ILE A 527 9.90 -32.58 4.04
N ARG A 528 10.81 -33.52 4.23
CA ARG A 528 10.55 -34.70 5.04
C ARG A 528 11.68 -34.74 6.05
N ASP A 529 11.32 -34.62 7.34
CA ASP A 529 12.30 -34.54 8.41
C ASP A 529 13.39 -33.51 8.10
N GLY A 530 13.01 -32.37 7.52
CA GLY A 530 13.97 -31.30 7.22
C GLY A 530 14.62 -31.36 5.85
N ARG A 531 14.52 -32.48 5.15
CA ARG A 531 15.14 -32.61 3.84
C ARG A 531 14.16 -32.32 2.70
N GLN A 532 14.52 -31.42 1.79
CA GLN A 532 13.63 -31.09 0.68
C GLN A 532 13.43 -32.28 -0.27
N GLN A 533 12.16 -32.56 -0.63
CA GLN A 533 11.81 -33.61 -1.57
C GLN A 533 11.68 -33.09 -3.00
N GLN A 534 11.46 -33.99 -3.97
CA GLN A 534 11.13 -33.57 -5.33
C GLN A 534 9.86 -32.70 -5.32
N ASP A 535 9.81 -31.69 -6.19
CA ASP A 535 8.60 -30.90 -6.40
C ASP A 535 7.46 -31.74 -6.99
N TYR A 536 6.23 -31.26 -6.80
CA TYR A 536 5.04 -31.93 -7.25
C TYR A 536 4.04 -30.87 -7.77
N TRP A 537 3.27 -31.20 -8.81
CA TRP A 537 2.21 -30.31 -9.26
C TRP A 537 0.86 -30.95 -8.94
N LEU A 538 0.06 -30.26 -8.14
CA LEU A 538 -1.30 -30.70 -7.88
C LEU A 538 -2.23 -30.04 -8.91
N ILE A 539 -2.88 -30.84 -9.75
CA ILE A 539 -3.73 -30.25 -10.81
C ILE A 539 -5.22 -30.53 -10.54
N ASP A 540 -5.50 -31.63 -9.89
CA ASP A 540 -6.86 -32.07 -9.64
C ASP A 540 -7.24 -31.66 -8.24
N VAL A 541 -8.50 -31.88 -7.86
CA VAL A 541 -8.97 -31.61 -6.53
C VAL A 541 -8.36 -32.60 -5.52
N ARG A 542 -7.89 -33.76 -6.00
CA ARG A 542 -7.29 -34.74 -5.09
C ARG A 542 -6.30 -35.55 -5.89
N ALA A 543 -5.29 -36.10 -5.22
CA ALA A 543 -4.28 -36.92 -5.87
C ALA A 543 -3.62 -37.76 -4.79
N GLN A 544 -2.86 -38.77 -5.19
CA GLN A 544 -2.08 -39.56 -4.24
C GLN A 544 -0.65 -39.60 -4.73
N ASN A 545 0.29 -39.44 -3.83
CA ASN A 545 1.71 -39.60 -4.16
C ASN A 545 2.49 -39.93 -2.90
N ASP A 546 3.36 -40.94 -3.00
CA ASP A 546 4.16 -41.39 -1.86
C ASP A 546 5.08 -40.31 -1.28
N LEU A 547 5.32 -39.24 -2.03
CA LEU A 547 5.98 -38.04 -1.48
C LEU A 547 5.31 -37.53 -0.20
N PHE A 548 4.01 -37.78 -0.10
CA PHE A 548 3.18 -37.22 0.98
C PHE A 548 2.75 -38.25 2.00
N SER A 549 3.32 -39.45 1.87
CA SER A 549 3.03 -40.56 2.80
C SER A 549 4.16 -40.70 3.83
N THR A 550 3.81 -40.97 5.09
CA THR A 550 4.82 -41.16 6.15
C THR A 550 4.56 -42.43 6.93
N SER A 551 5.60 -42.95 7.58
CA SER A 551 5.44 -44.03 8.57
C SER A 551 6.49 -43.92 9.66
N GLY A 552 6.22 -44.49 10.82
CA GLY A 552 7.13 -44.35 11.94
C GLY A 552 7.17 -42.90 12.40
N ASN A 553 8.36 -42.39 12.66
CA ASN A 553 8.52 -41.04 13.25
C ASN A 553 8.54 -39.86 12.28
N GLU A 554 8.52 -40.16 11.00
CA GLU A 554 8.76 -39.17 9.96
C GLU A 554 7.65 -38.16 9.96
N TRP A 555 8.01 -36.90 9.72
CA TRP A 555 6.99 -35.89 9.40
C TRP A 555 7.29 -35.27 8.04
N VAL A 556 6.26 -34.70 7.42
CA VAL A 556 6.45 -33.91 6.21
C VAL A 556 5.80 -32.55 6.42
N LEU A 557 6.34 -31.53 5.75
CA LEU A 557 5.66 -30.24 5.67
C LEU A 557 5.61 -29.85 4.19
N LEU A 558 4.53 -29.22 3.76
CA LEU A 558 4.46 -28.68 2.40
C LEU A 558 4.71 -27.19 2.41
N ASN A 559 5.09 -26.67 1.24
CA ASN A 559 5.26 -25.23 1.03
C ASN A 559 6.52 -24.70 1.73
N LEU A 560 7.68 -25.24 1.32
CA LEU A 560 8.94 -24.83 1.94
C LEU A 560 9.13 -23.33 1.78
N ASN A 561 9.39 -22.66 2.89
CA ASN A 561 9.56 -21.21 2.90
C ASN A 561 8.37 -20.43 2.34
N VAL A 562 7.20 -21.07 2.28
CA VAL A 562 5.93 -20.41 1.88
C VAL A 562 6.11 -19.59 0.56
N THR A 563 6.68 -20.24 -0.45
CA THR A 563 6.80 -19.64 -1.79
C THR A 563 5.47 -19.67 -2.52
N GLY A 564 4.62 -20.64 -2.17
CA GLY A 564 3.32 -20.82 -2.84
C GLY A 564 2.19 -20.13 -2.07
N TYR A 565 1.23 -19.60 -2.82
CA TYR A 565 0.10 -18.86 -2.29
C TYR A 565 -1.02 -19.82 -1.86
N TYR A 566 -0.77 -20.61 -0.81
CA TYR A 566 -1.77 -21.52 -0.32
C TYR A 566 -1.46 -21.87 1.15
N ARG A 567 -2.49 -22.34 1.85
CA ARG A 567 -2.36 -22.84 3.23
C ARG A 567 -2.35 -24.34 3.23
N VAL A 568 -1.85 -24.95 4.31
CA VAL A 568 -1.67 -26.41 4.35
C VAL A 568 -2.25 -26.96 5.63
N ASN A 569 -3.11 -27.98 5.50
CA ASN A 569 -3.58 -28.76 6.64
C ASN A 569 -3.06 -30.21 6.55
N TYR A 570 -2.94 -30.88 7.70
CA TYR A 570 -2.48 -32.27 7.75
C TYR A 570 -3.45 -33.08 8.60
N ASP A 571 -3.35 -34.40 8.52
CA ASP A 571 -4.01 -35.25 9.50
C ASP A 571 -3.45 -34.91 10.90
N GLU A 572 -4.22 -35.16 11.95
CA GLU A 572 -3.78 -34.73 13.28
C GLU A 572 -2.56 -35.50 13.77
N GLU A 573 -2.31 -36.70 13.23
CA GLU A 573 -1.08 -37.40 13.58
C GLU A 573 0.19 -36.67 13.12
N ASN A 574 0.19 -36.19 11.87
CA ASN A 574 1.32 -35.41 11.38
C ASN A 574 1.45 -34.12 12.14
N TRP A 575 0.34 -33.48 12.50
CA TRP A 575 0.41 -32.26 13.29
C TRP A 575 1.06 -32.56 14.65
N ARG A 576 0.70 -33.69 15.26
CA ARG A 576 1.29 -34.04 16.56
C ARG A 576 2.81 -34.28 16.44
N LYS A 577 3.26 -34.87 15.31
CA LYS A 577 4.70 -35.05 15.06
CA LYS A 577 4.69 -35.06 15.05
C LYS A 577 5.39 -33.71 14.85
N ILE A 578 4.71 -32.75 14.23
CA ILE A 578 5.26 -31.42 14.08
C ILE A 578 5.45 -30.76 15.43
N GLN A 579 4.43 -30.82 16.29
CA GLN A 579 4.47 -30.29 17.66
C GLN A 579 5.55 -30.96 18.51
N THR A 580 5.71 -32.26 18.36
CA THR A 580 6.84 -32.97 18.96
C THR A 580 8.17 -32.41 18.49
N GLN A 581 8.32 -32.23 17.16
CA GLN A 581 9.52 -31.61 16.61
C GLN A 581 9.76 -30.23 17.20
N LEU A 582 8.69 -29.44 17.41
CA LEU A 582 8.88 -28.11 17.93
C LEU A 582 9.37 -28.17 19.38
N GLN A 583 8.94 -29.17 20.12
CA GLN A 583 9.40 -29.35 21.51
C GLN A 583 10.84 -29.92 21.57
N ARG A 584 11.17 -30.84 20.67
CA ARG A 584 12.49 -31.50 20.68
C ARG A 584 13.60 -30.58 20.21
N ASP A 585 13.43 -30.00 19.02
CA ASP A 585 14.42 -29.09 18.51
C ASP A 585 13.72 -28.28 17.40
N HIS A 586 13.23 -27.10 17.76
CA HIS A 586 12.41 -26.33 16.82
C HIS A 586 13.26 -25.82 15.64
N SER A 587 14.58 -25.76 15.84
CA SER A 587 15.46 -25.32 14.77
C SER A 587 15.50 -26.30 13.60
N ALA A 588 15.01 -27.52 13.77
CA ALA A 588 14.95 -28.47 12.65
C ALA A 588 13.94 -28.08 11.56
N ILE A 589 13.03 -27.17 11.90
CA ILE A 589 12.04 -26.65 10.93
C ILE A 589 12.49 -25.26 10.47
N PRO A 590 12.57 -25.02 9.13
CA PRO A 590 13.02 -23.72 8.65
C PRO A 590 12.18 -22.64 9.32
N VAL A 591 12.80 -21.52 9.67
CA VAL A 591 12.14 -20.43 10.41
C VAL A 591 10.82 -19.96 9.73
N ILE A 592 10.82 -19.84 8.40
CA ILE A 592 9.64 -19.39 7.70
C ILE A 592 8.50 -20.40 7.90
N ASN A 593 8.82 -21.67 7.92
CA ASN A 593 7.81 -22.70 8.14
C ASN A 593 7.35 -22.80 9.58
N ARG A 594 8.18 -22.32 10.52
N ARG A 594 8.17 -22.34 10.53
CA ARG A 594 7.70 -22.13 11.90
CA ARG A 594 7.64 -22.16 11.91
C ARG A 594 6.59 -21.06 11.97
C ARG A 594 6.55 -21.09 11.93
N ALA A 595 6.80 -19.95 11.25
CA ALA A 595 5.70 -18.92 11.09
C ALA A 595 4.46 -19.54 10.38
N GLN A 596 4.72 -20.34 9.33
CA GLN A 596 3.66 -21.01 8.59
C GLN A 596 2.78 -21.89 9.46
N ILE A 597 3.42 -22.78 10.21
CA ILE A 597 2.70 -23.72 11.07
C ILE A 597 1.75 -22.98 12.02
N ILE A 598 2.28 -21.88 12.58
CA ILE A 598 1.47 -21.07 13.46
C ILE A 598 0.34 -20.35 12.74
N ASN A 599 0.69 -19.60 11.70
CA ASN A 599 -0.33 -18.81 11.02
C ASN A 599 -1.41 -19.70 10.35
N ASP A 600 -0.97 -20.73 9.60
CA ASP A 600 -1.93 -21.67 8.98
C ASP A 600 -2.90 -22.29 10.00
N ALA A 601 -2.37 -22.88 11.09
CA ALA A 601 -3.25 -23.51 12.05
C ALA A 601 -4.31 -22.57 12.65
N PHE A 602 -3.92 -21.34 12.98
CA PHE A 602 -4.92 -20.35 13.48
C PHE A 602 -6.01 -20.06 12.48
N ASN A 603 -5.64 -19.90 11.21
CA ASN A 603 -6.64 -19.66 10.18
C ASN A 603 -7.52 -20.90 9.94
N LEU A 604 -6.88 -22.06 9.94
CA LEU A 604 -7.62 -23.32 9.81
C LEU A 604 -8.66 -23.51 10.93
N ALA A 605 -8.29 -23.09 12.14
CA ALA A 605 -9.19 -23.19 13.31
C ALA A 605 -10.43 -22.31 13.10
N SER A 606 -10.22 -21.08 12.62
CA SER A 606 -11.34 -20.17 12.30
C SER A 606 -12.28 -20.83 11.34
N ALA A 607 -11.70 -21.50 10.33
CA ALA A 607 -12.49 -22.19 9.31
C ALA A 607 -13.03 -23.53 9.76
N HIS A 608 -12.82 -23.89 11.02
CA HIS A 608 -13.32 -25.15 11.57
C HIS A 608 -12.65 -26.37 10.91
N LYS A 609 -11.40 -26.21 10.48
CA LYS A 609 -10.67 -27.33 9.85
C LYS A 609 -9.70 -28.04 10.80
N VAL A 610 -9.35 -27.38 11.92
CA VAL A 610 -8.63 -28.00 13.02
C VAL A 610 -9.23 -27.43 14.29
N PRO A 611 -9.17 -28.18 15.40
CA PRO A 611 -9.59 -27.62 16.69
C PRO A 611 -8.73 -26.40 17.07
N VAL A 612 -9.35 -25.40 17.66
CA VAL A 612 -8.60 -24.24 18.11
C VAL A 612 -7.44 -24.60 19.08
N THR A 613 -7.61 -25.63 19.91
CA THR A 613 -6.53 -25.97 20.84
C THR A 613 -5.27 -26.47 20.09
N LEU A 614 -5.45 -26.98 18.88
CA LEU A 614 -4.29 -27.42 18.06
C LEU A 614 -3.49 -26.19 17.67
N ALA A 615 -4.17 -25.13 17.25
CA ALA A 615 -3.49 -23.90 16.89
C ALA A 615 -2.84 -23.26 18.10
N LEU A 616 -3.56 -23.26 19.22
CA LEU A 616 -2.94 -22.69 20.46
C LEU A 616 -1.72 -23.54 20.90
N ASN A 617 -1.83 -24.86 20.82
CA ASN A 617 -0.69 -25.75 21.12
C ASN A 617 0.57 -25.44 20.29
N ASN A 618 0.37 -24.99 19.04
CA ASN A 618 1.46 -24.63 18.15
C ASN A 618 2.24 -23.41 18.66
N THR A 619 1.68 -22.64 19.59
CA THR A 619 2.43 -21.48 20.18
C THR A 619 3.22 -21.82 21.46
N LEU A 620 3.07 -23.04 21.97
CA LEU A 620 3.76 -23.40 23.24
C LEU A 620 5.30 -23.27 23.13
N PHE A 621 5.86 -23.64 21.98
CA PHE A 621 7.34 -23.63 21.83
C PHE A 621 7.88 -22.21 21.78
N LEU A 622 7.01 -21.21 21.64
CA LEU A 622 7.51 -19.82 21.47
C LEU A 622 8.27 -19.35 22.71
N ILE A 623 8.01 -19.98 23.86
CA ILE A 623 8.73 -19.64 25.09
C ILE A 623 10.27 -19.75 24.93
N GLU A 624 10.72 -20.50 23.93
CA GLU A 624 12.16 -20.62 23.68
C GLU A 624 12.49 -20.22 22.24
N GLU A 625 11.56 -19.55 21.58
CA GLU A 625 11.87 -19.05 20.21
C GLU A 625 12.46 -17.66 20.31
N ARG A 626 13.62 -17.46 19.70
CA ARG A 626 14.24 -16.12 19.65
C ARG A 626 14.06 -15.40 18.31
N GLN A 627 13.69 -16.12 17.26
CA GLN A 627 13.57 -15.52 15.93
C GLN A 627 12.37 -14.57 15.81
N TYR A 628 12.60 -13.46 15.12
CA TYR A 628 11.55 -12.49 14.82
C TYR A 628 10.30 -13.13 14.21
N MET A 629 10.51 -13.90 13.15
CA MET A 629 9.38 -14.24 12.28
C MET A 629 8.28 -15.11 12.90
N PRO A 630 8.65 -16.22 13.58
CA PRO A 630 7.55 -16.99 14.12
C PRO A 630 6.79 -16.24 15.22
N TRP A 631 7.49 -15.44 16.01
CA TRP A 631 6.81 -14.62 17.02
C TRP A 631 5.88 -13.59 16.36
N GLU A 632 6.36 -12.94 15.29
CA GLU A 632 5.49 -11.97 14.58
C GLU A 632 4.26 -12.69 13.98
N ALA A 633 4.44 -13.90 13.43
CA ALA A 633 3.28 -14.65 12.87
C ALA A 633 2.27 -14.96 13.97
N ALA A 634 2.77 -15.40 15.15
CA ALA A 634 1.88 -15.66 16.29
C ALA A 634 1.13 -14.41 16.78
N LEU A 635 1.85 -13.31 16.96
CA LEU A 635 1.24 -12.05 17.41
C LEU A 635 0.17 -11.53 16.42
N SER A 636 0.48 -11.67 15.13
N SER A 636 0.47 -11.67 15.12
CA SER A 636 -0.44 -11.34 14.04
CA SER A 636 -0.46 -11.30 14.06
C SER A 636 -1.73 -12.15 14.08
C SER A 636 -1.74 -12.15 14.09
N SER A 637 -1.60 -13.47 14.25
CA SER A 637 -2.77 -14.34 14.37
C SER A 637 -3.51 -14.06 15.69
N LEU A 638 -2.76 -13.90 16.79
CA LEU A 638 -3.40 -13.60 18.10
C LEU A 638 -4.02 -12.22 18.16
N SER A 639 -3.66 -11.32 17.23
CA SER A 639 -4.37 -10.04 17.11
C SER A 639 -5.85 -10.28 16.99
N TYR A 640 -6.23 -11.29 16.22
CA TYR A 640 -7.64 -11.59 16.07
C TYR A 640 -8.30 -11.99 17.41
N PHE A 641 -7.61 -12.79 18.22
CA PHE A 641 -8.10 -13.15 19.56
C PHE A 641 -8.25 -11.91 20.44
N LYS A 642 -7.31 -10.97 20.32
CA LYS A 642 -7.41 -9.76 21.08
C LYS A 642 -8.66 -8.95 20.64
N LEU A 643 -8.88 -8.82 19.33
CA LEU A 643 -10.06 -8.16 18.80
C LEU A 643 -11.36 -8.84 19.28
N MET A 644 -11.36 -10.16 19.32
CA MET A 644 -12.56 -10.88 19.70
C MET A 644 -12.78 -10.82 21.22
N PHE A 645 -11.69 -10.82 21.99
CA PHE A 645 -11.77 -11.09 23.43
C PHE A 645 -11.36 -9.98 24.39
N ASP A 646 -10.80 -8.88 23.89
CA ASP A 646 -10.28 -7.87 24.83
C ASP A 646 -11.36 -7.05 25.56
N ARG A 647 -12.65 -7.39 25.34
CA ARG A 647 -13.71 -6.85 26.16
C ARG A 647 -14.46 -7.98 26.87
N SER A 648 -13.74 -9.07 27.20
CA SER A 648 -14.39 -10.25 27.72
C SER A 648 -13.53 -10.91 28.81
N GLU A 649 -14.16 -11.82 29.53
CA GLU A 649 -13.49 -12.59 30.59
C GLU A 649 -12.31 -13.41 30.07
N VAL A 650 -12.24 -13.63 28.75
CA VAL A 650 -11.14 -14.41 28.16
C VAL A 650 -9.81 -13.64 28.19
N TYR A 651 -9.90 -12.31 28.26
CA TYR A 651 -8.72 -11.46 28.08
C TYR A 651 -7.63 -11.59 29.16
N GLY A 652 -8.03 -11.67 30.42
CA GLY A 652 -7.03 -11.84 31.48
C GLY A 652 -6.17 -13.09 31.29
N PRO A 653 -6.79 -14.27 31.15
CA PRO A 653 -6.02 -15.48 30.88
C PRO A 653 -5.17 -15.40 29.59
N MET A 654 -5.70 -14.76 28.54
CA MET A 654 -4.93 -14.52 27.32
C MET A 654 -3.67 -13.73 27.63
N LYS A 655 -3.84 -12.61 28.36
CA LYS A 655 -2.65 -11.81 28.75
C LYS A 655 -1.70 -12.60 29.65
N ASN A 656 -2.24 -13.36 30.62
CA ASN A 656 -1.40 -14.24 31.45
C ASN A 656 -0.57 -15.20 30.60
N TYR A 657 -1.21 -15.81 29.61
CA TYR A 657 -0.50 -16.73 28.73
C TYR A 657 0.64 -16.06 27.97
N LEU A 658 0.35 -14.94 27.28
CA LEU A 658 1.39 -14.18 26.59
C LEU A 658 2.54 -13.68 27.50
N LYS A 659 2.20 -13.29 28.72
CA LYS A 659 3.20 -12.86 29.71
C LYS A 659 4.15 -14.04 29.99
N LYS A 660 3.58 -15.23 30.17
CA LYS A 660 4.44 -16.42 30.44
C LYS A 660 5.34 -16.70 29.22
N GLN A 661 4.73 -16.65 28.03
CA GLN A 661 5.44 -17.07 26.80
C GLN A 661 6.59 -16.13 26.46
N VAL A 662 6.45 -14.86 26.82
CA VAL A 662 7.42 -13.86 26.37
C VAL A 662 8.49 -13.52 27.40
N THR A 663 8.26 -13.89 28.64
CA THR A 663 9.16 -13.43 29.73
C THR A 663 10.62 -13.85 29.57
N PRO A 664 10.90 -15.14 29.28
CA PRO A 664 12.30 -15.51 29.04
C PRO A 664 12.95 -14.72 27.90
N LEU A 665 12.21 -14.51 26.80
CA LEU A 665 12.73 -13.71 25.67
C LEU A 665 13.08 -12.29 26.11
N PHE A 666 12.13 -11.66 26.80
CA PHE A 666 12.35 -10.33 27.34
C PHE A 666 13.60 -10.30 28.24
N ILE A 667 13.74 -11.30 29.10
CA ILE A 667 14.89 -11.35 30.01
C ILE A 667 16.17 -11.59 29.21
N HIS A 668 16.08 -12.43 28.18
CA HIS A 668 17.18 -12.63 27.24
C HIS A 668 17.68 -11.32 26.64
N PHE A 669 16.75 -10.50 26.15
CA PHE A 669 17.13 -9.22 25.59
C PHE A 669 17.66 -8.24 26.64
N ARG A 670 17.05 -8.24 27.83
CA ARG A 670 17.56 -7.40 28.92
C ARG A 670 19.06 -7.64 29.15
N ASN A 671 19.43 -8.92 29.21
CA ASN A 671 20.82 -9.32 29.40
C ASN A 671 21.72 -9.07 28.15
N ASN A 672 21.20 -9.41 26.97
CA ASN A 672 21.94 -9.40 25.71
C ASN A 672 22.29 -7.98 25.28
N THR A 673 21.47 -7.02 25.66
CA THR A 673 21.65 -5.65 25.22
C THR A 673 22.40 -4.88 26.31
N ASN A 674 22.87 -5.61 27.32
CA ASN A 674 23.53 -5.00 28.49
C ASN A 674 22.61 -3.93 29.10
N ASN A 675 21.48 -4.39 29.61
CA ASN A 675 20.42 -3.51 30.12
C ASN A 675 20.01 -2.38 29.20
N TRP A 676 19.63 -2.75 27.97
CA TRP A 676 19.09 -1.81 26.97
C TRP A 676 20.11 -0.74 26.52
N ARG A 677 21.40 -0.95 26.79
CA ARG A 677 22.43 -0.01 26.32
C ARG A 677 22.70 -0.19 24.82
N GLU A 678 22.60 -1.43 24.33
CA GLU A 678 22.92 -1.75 22.93
C GLU A 678 21.67 -2.27 22.19
N ILE A 679 21.73 -2.30 20.86
CA ILE A 679 20.74 -3.04 20.06
C ILE A 679 21.48 -4.17 19.33
N PRO A 680 20.80 -5.28 19.04
CA PRO A 680 21.40 -6.40 18.28
C PRO A 680 21.95 -5.96 16.92
N GLU A 681 22.93 -6.70 16.40
CA GLU A 681 23.54 -6.36 15.10
C GLU A 681 22.59 -6.68 13.95
N ASN A 682 21.98 -7.87 14.00
CA ASN A 682 21.14 -8.37 12.91
C ASN A 682 19.76 -7.69 12.93
N LEU A 683 19.25 -7.30 11.76
CA LEU A 683 17.99 -6.56 11.67
C LEU A 683 16.82 -7.38 12.22
N MET A 684 16.80 -8.67 11.92
CA MET A 684 15.69 -9.51 12.40
C MET A 684 15.73 -9.57 13.92
N ASP A 685 16.92 -9.72 14.50
CA ASP A 685 17.06 -9.71 15.96
C ASP A 685 16.62 -8.37 16.56
N GLN A 686 16.93 -7.27 15.89
CA GLN A 686 16.43 -5.94 16.28
C GLN A 686 14.88 -5.92 16.37
N TYR A 687 14.24 -6.50 15.37
CA TYR A 687 12.76 -6.54 15.30
C TYR A 687 12.21 -7.46 16.36
N SER A 688 12.89 -8.58 16.58
CA SER A 688 12.52 -9.52 17.60
C SER A 688 12.54 -8.88 18.99
N GLU A 689 13.60 -8.11 19.25
CA GLU A 689 13.72 -7.33 20.48
C GLU A 689 12.53 -6.36 20.68
N VAL A 690 12.18 -5.63 19.64
CA VAL A 690 11.06 -4.66 19.74
C VAL A 690 9.76 -5.39 20.07
N ASN A 691 9.49 -6.52 19.39
CA ASN A 691 8.28 -7.31 19.68
C ASN A 691 8.25 -7.87 21.10
N ALA A 692 9.41 -8.33 21.57
CA ALA A 692 9.49 -8.92 22.92
C ALA A 692 9.14 -7.83 23.95
N ILE A 693 9.66 -6.61 23.76
CA ILE A 693 9.31 -5.50 24.65
C ILE A 693 7.84 -5.13 24.57
N SER A 694 7.33 -4.99 23.36
N SER A 694 7.32 -4.96 23.35
CA SER A 694 5.93 -4.64 23.16
CA SER A 694 5.90 -4.66 23.13
C SER A 694 4.98 -5.67 23.78
C SER A 694 4.99 -5.67 23.81
N THR A 695 5.29 -6.94 23.53
CA THR A 695 4.51 -8.04 24.04
C THR A 695 4.60 -8.14 25.58
N ALA A 696 5.80 -7.97 26.12
CA ALA A 696 6.01 -8.06 27.59
C ALA A 696 5.19 -6.97 28.29
N CYS A 697 5.28 -5.74 27.76
CA CYS A 697 4.62 -4.58 28.37
C CYS A 697 3.10 -4.64 28.28
N SER A 698 2.58 -5.02 27.11
CA SER A 698 1.14 -5.10 26.84
C SER A 698 0.52 -6.17 27.71
N ASN A 699 1.29 -7.23 27.99
CA ASN A 699 0.71 -8.35 28.72
C ASN A 699 1.09 -8.41 30.21
N GLY A 700 1.73 -7.35 30.70
CA GLY A 700 1.93 -7.14 32.15
C GLY A 700 3.20 -7.72 32.78
N VAL A 701 4.27 -7.91 32.01
CA VAL A 701 5.59 -8.26 32.60
C VAL A 701 6.02 -7.04 33.44
N PRO A 702 6.11 -7.18 34.78
CA PRO A 702 6.47 -6.00 35.61
C PRO A 702 7.82 -5.35 35.27
N GLU A 703 8.86 -6.12 34.96
CA GLU A 703 10.15 -5.52 34.57
C GLU A 703 10.03 -4.64 33.31
N CYS A 704 9.15 -5.03 32.39
CA CYS A 704 8.96 -4.21 31.18
C CYS A 704 8.25 -2.89 31.54
N GLU A 705 7.15 -2.97 32.29
CA GLU A 705 6.44 -1.77 32.70
C GLU A 705 7.37 -0.78 33.41
N GLU A 706 8.23 -1.31 34.31
CA GLU A 706 9.20 -0.49 35.04
C GLU A 706 10.22 0.15 34.11
N MET A 707 10.68 -0.64 33.15
CA MET A 707 11.69 -0.17 32.22
C MET A 707 11.14 1.00 31.38
N VAL A 708 9.92 0.86 30.84
CA VAL A 708 9.42 1.89 29.92
C VAL A 708 9.04 3.16 30.67
N SER A 709 8.40 3.02 31.83
CA SER A 709 8.05 4.19 32.65
C SER A 709 9.30 4.96 33.10
N GLY A 710 10.34 4.23 33.51
CA GLY A 710 11.61 4.80 33.95
C GLY A 710 12.32 5.55 32.83
N LEU A 711 12.39 4.95 31.63
CA LEU A 711 12.98 5.62 30.49
C LEU A 711 12.24 6.87 30.10
N PHE A 712 10.91 6.79 30.06
CA PHE A 712 10.11 7.95 29.69
C PHE A 712 10.23 9.08 30.72
N LYS A 713 10.22 8.72 31.99
CA LYS A 713 10.43 9.69 33.07
C LYS A 713 11.82 10.37 32.93
N GLN A 714 12.84 9.60 32.60
CA GLN A 714 14.19 10.15 32.41
C GLN A 714 14.22 11.15 31.26
N TRP A 715 13.53 10.84 30.16
CA TRP A 715 13.38 11.81 29.07
C TRP A 715 12.67 13.09 29.50
N MET A 716 11.52 12.97 30.19
CA MET A 716 10.79 14.15 30.63
C MET A 716 11.66 15.08 31.48
N GLU A 717 12.57 14.47 32.25
CA GLU A 717 13.51 15.22 33.10
C GLU A 717 14.64 15.86 32.30
N ASN A 718 14.81 15.41 31.06
CA ASN A 718 15.89 15.86 30.17
C ASN A 718 15.41 15.94 28.73
N PRO A 719 14.44 16.82 28.41
CA PRO A 719 13.76 16.77 27.11
C PRO A 719 14.70 16.77 25.91
N ASN A 720 15.82 17.48 26.00
CA ASN A 720 16.77 17.54 24.89
C ASN A 720 17.80 16.42 24.87
N ASN A 721 17.78 15.56 25.87
CA ASN A 721 18.63 14.36 25.83
C ASN A 721 17.84 13.04 25.92
N ASN A 722 17.17 12.72 24.81
CA ASN A 722 16.31 11.55 24.75
C ASN A 722 17.14 10.29 25.01
N PRO A 723 16.91 9.61 26.14
CA PRO A 723 17.72 8.42 26.38
C PRO A 723 17.19 7.14 25.66
N ILE A 724 16.18 7.27 24.81
CA ILE A 724 15.53 6.06 24.27
C ILE A 724 16.05 5.80 22.87
N HIS A 725 16.67 4.65 22.66
CA HIS A 725 17.14 4.27 21.31
C HIS A 725 15.96 4.36 20.32
N PRO A 726 16.17 4.99 19.13
CA PRO A 726 15.13 5.12 18.11
C PRO A 726 14.29 3.84 17.86
N ASN A 727 14.91 2.65 17.90
CA ASN A 727 14.18 1.39 17.63
C ASN A 727 13.10 1.12 18.67
N LEU A 728 13.30 1.64 19.88
CA LEU A 728 12.41 1.37 21.03
C LEU A 728 11.37 2.47 21.25
N ARG A 729 11.54 3.61 20.59
CA ARG A 729 10.70 4.79 20.87
C ARG A 729 9.19 4.53 20.70
N SER A 730 8.77 3.90 19.60
CA SER A 730 7.34 3.68 19.44
C SER A 730 6.72 2.93 20.62
N THR A 731 7.35 1.83 20.99
CA THR A 731 6.79 0.97 22.04
C THR A 731 6.99 1.59 23.44
N VAL A 732 8.12 2.27 23.67
CA VAL A 732 8.34 2.91 24.98
C VAL A 732 7.34 4.07 25.14
N TYR A 733 7.21 4.91 24.11
CA TYR A 733 6.26 6.02 24.17
C TYR A 733 4.82 5.54 24.43
N CYS A 734 4.36 4.57 23.65
CA CYS A 734 2.99 4.05 23.82
C CYS A 734 2.75 3.50 25.24
N ASN A 735 3.65 2.62 25.69
CA ASN A 735 3.44 1.97 27.00
C ASN A 735 3.63 2.91 28.18
N ALA A 736 4.55 3.87 28.06
CA ALA A 736 4.70 4.92 29.08
C ALA A 736 3.46 5.81 29.16
N ILE A 737 2.85 6.15 28.02
CA ILE A 737 1.59 6.90 28.00
C ILE A 737 0.43 6.06 28.61
N ALA A 738 0.37 4.79 28.24
CA ALA A 738 -0.64 3.88 28.78
C ALA A 738 -0.52 3.71 30.31
N GLN A 739 0.71 3.61 30.80
CA GLN A 739 0.95 3.42 32.24
C GLN A 739 0.85 4.71 33.03
N GLY A 740 0.91 5.83 32.32
CA GLY A 740 0.98 7.14 32.96
C GLY A 740 -0.35 7.88 32.99
N GLY A 741 -0.27 9.21 32.99
CA GLY A 741 -1.43 10.06 33.16
C GLY A 741 -1.32 11.27 32.29
N GLU A 742 -2.08 12.32 32.59
CA GLU A 742 -2.09 13.46 31.70
C GLU A 742 -0.73 14.18 31.64
N GLU A 743 0.10 14.01 32.66
CA GLU A 743 1.41 14.65 32.61
C GLU A 743 2.29 14.05 31.49
N GLU A 744 2.30 12.72 31.41
CA GLU A 744 3.04 12.03 30.32
C GLU A 744 2.42 12.40 28.94
N TRP A 745 1.09 12.45 28.88
CA TRP A 745 0.38 12.73 27.66
C TRP A 745 0.69 14.13 27.14
N ASP A 746 0.64 15.11 28.05
CA ASP A 746 0.84 16.49 27.70
C ASP A 746 2.27 16.69 27.26
N PHE A 747 3.22 16.03 27.93
CA PHE A 747 4.63 16.11 27.51
C PHE A 747 4.79 15.62 26.06
N ALA A 748 4.23 14.44 25.78
CA ALA A 748 4.30 13.85 24.43
C ALA A 748 3.61 14.71 23.36
N TRP A 749 2.45 15.28 23.70
CA TRP A 749 1.76 16.16 22.79
C TRP A 749 2.60 17.38 22.44
N GLU A 750 3.21 17.99 23.46
CA GLU A 750 4.08 19.16 23.25
C GLU A 750 5.28 18.77 22.35
N GLN A 751 5.91 17.64 22.66
CA GLN A 751 6.96 17.10 21.82
C GLN A 751 6.50 16.92 20.39
N PHE A 752 5.27 16.44 20.22
CA PHE A 752 4.72 16.22 18.87
C PHE A 752 4.56 17.57 18.11
N ARG A 753 3.94 18.55 18.75
CA ARG A 753 3.75 19.88 18.17
C ARG A 753 5.08 20.58 17.84
N ASN A 754 6.12 20.30 18.61
CA ASN A 754 7.44 20.89 18.38
C ASN A 754 8.37 20.06 17.50
N ALA A 755 7.89 18.95 16.93
CA ALA A 755 8.81 17.97 16.28
C ALA A 755 9.45 18.55 15.02
N THR A 756 10.71 18.23 14.76
N THR A 756 10.74 18.27 14.89
CA THR A 756 11.32 18.63 13.48
CA THR A 756 11.56 18.67 13.77
C THR A 756 11.36 17.50 12.46
C THR A 756 12.34 17.45 13.29
N LEU A 757 11.33 16.25 12.90
N LEU A 757 12.52 16.47 14.18
CA LEU A 757 11.26 15.17 11.92
CA LEU A 757 13.33 15.29 13.89
C LEU A 757 9.98 14.31 11.94
C LEU A 757 12.59 14.42 12.89
N VAL A 758 9.55 13.91 10.75
N VAL A 758 13.33 13.67 12.06
CA VAL A 758 8.22 13.33 10.61
CA VAL A 758 12.68 12.81 11.08
C VAL A 758 8.21 12.00 11.33
C VAL A 758 12.14 11.60 11.81
N ASN A 759 9.32 11.29 11.22
N ASN A 759 10.90 11.26 11.50
CA ASN A 759 9.55 10.06 11.92
CA ASN A 759 10.20 10.05 11.98
C ASN A 759 9.31 10.23 13.42
C ASN A 759 9.70 10.09 13.41
N GLU A 760 9.96 11.19 14.07
CA GLU A 760 9.71 11.37 15.52
C GLU A 760 8.24 11.73 15.79
N ALA A 761 7.71 12.67 15.01
CA ALA A 761 6.29 13.04 15.15
C ALA A 761 5.34 11.84 15.01
N ASP A 762 5.62 10.96 14.03
CA ASP A 762 4.75 9.81 13.76
C ASP A 762 4.67 8.88 14.99
N LYS A 763 5.81 8.64 15.63
CA LYS A 763 5.88 7.75 16.83
C LYS A 763 5.06 8.36 17.98
N LEU A 764 5.23 9.66 18.20
CA LEU A 764 4.46 10.38 19.22
C LEU A 764 2.95 10.36 18.95
N ARG A 765 2.58 10.61 17.68
CA ARG A 765 1.19 10.63 17.24
C ARG A 765 0.49 9.28 17.47
N ALA A 766 1.17 8.20 17.13
CA ALA A 766 0.63 6.86 17.46
C ALA A 766 0.58 6.64 18.99
N ALA A 767 1.64 7.05 19.68
CA ALA A 767 1.72 6.86 21.16
C ALA A 767 0.59 7.51 21.95
N LEU A 768 0.17 8.70 21.52
CA LEU A 768 -0.84 9.47 22.22
C LEU A 768 -2.18 8.77 22.19
N ALA A 769 -2.37 7.89 21.23
CA ALA A 769 -3.60 7.11 21.19
C ALA A 769 -3.57 5.95 22.20
N CYS A 770 -2.45 5.73 22.86
CA CYS A 770 -2.39 4.65 23.89
C CYS A 770 -2.94 5.00 25.26
N SER A 771 -3.45 6.22 25.44
CA SER A 771 -3.94 6.60 26.74
C SER A 771 -5.07 5.63 27.13
N LYS A 772 -5.16 5.24 28.42
CA LYS A 772 -6.31 4.46 28.89
C LYS A 772 -7.49 5.34 29.35
N GLU A 773 -7.36 6.68 29.26
CA GLU A 773 -8.39 7.60 29.78
C GLU A 773 -9.35 7.97 28.68
N LEU A 774 -10.63 7.62 28.84
CA LEU A 774 -11.61 7.91 27.79
C LEU A 774 -11.66 9.39 27.47
N TRP A 775 -11.57 10.23 28.49
CA TRP A 775 -11.72 11.66 28.23
C TRP A 775 -10.53 12.19 27.39
N ILE A 776 -9.36 11.61 27.61
CA ILE A 776 -8.16 11.99 26.84
C ILE A 776 -8.26 11.54 25.37
N LEU A 777 -8.76 10.33 25.15
CA LEU A 777 -9.02 9.83 23.79
C LEU A 777 -10.05 10.69 23.05
N ASN A 778 -11.11 11.13 23.75
CA ASN A 778 -12.07 12.04 23.14
C ASN A 778 -11.45 13.36 22.71
N ARG A 779 -10.71 13.99 23.62
CA ARG A 779 -10.00 15.22 23.31
C ARG A 779 -9.03 15.00 22.11
N TYR A 780 -8.37 13.86 22.10
CA TYR A 780 -7.42 13.57 21.01
C TYR A 780 -8.14 13.42 19.68
N LEU A 781 -9.28 12.73 19.69
CA LEU A 781 -10.11 12.63 18.49
C LEU A 781 -10.49 14.00 17.90
N SER A 782 -10.78 14.96 18.76
CA SER A 782 -11.12 16.30 18.30
C SER A 782 -9.88 16.98 17.64
N TYR A 783 -8.67 16.62 18.07
CA TYR A 783 -7.46 17.19 17.44
C TYR A 783 -7.18 16.64 16.03
N THR A 784 -7.61 15.40 15.77
CA THR A 784 -7.30 14.71 14.49
C THR A 784 -7.95 15.43 13.35
N LEU A 785 -8.99 16.18 13.69
CA LEU A 785 -9.86 16.84 12.74
C LEU A 785 -9.50 18.30 12.52
N ASN A 786 -8.45 18.75 13.17
CA ASN A 786 -8.02 20.14 13.13
C ASN A 786 -6.71 20.20 12.37
N PRO A 787 -6.75 20.72 11.12
CA PRO A 787 -5.57 20.72 10.26
C PRO A 787 -4.43 21.59 10.77
N ASP A 788 -4.66 22.45 11.76
CA ASP A 788 -3.59 23.20 12.41
C ASP A 788 -2.84 22.38 13.45
N LEU A 789 -3.43 21.26 13.89
CA LEU A 789 -2.78 20.43 14.92
C LEU A 789 -2.20 19.14 14.33
N ILE A 790 -3.03 18.47 13.52
CA ILE A 790 -2.63 17.24 12.83
C ILE A 790 -2.83 17.48 11.31
N ARG A 791 -1.76 17.37 10.53
CA ARG A 791 -1.88 17.54 9.07
C ARG A 791 -2.95 16.62 8.52
N LYS A 792 -3.72 17.13 7.55
CA LYS A 792 -4.79 16.38 6.92
C LYS A 792 -4.38 14.99 6.46
N GLN A 793 -3.18 14.88 5.88
CA GLN A 793 -2.61 13.60 5.38
C GLN A 793 -2.58 12.53 6.48
N ASP A 794 -2.68 12.96 7.75
CA ASP A 794 -2.50 12.06 8.92
C ASP A 794 -3.76 11.87 9.77
N ALA A 795 -4.87 12.51 9.39
CA ALA A 795 -6.05 12.58 10.23
C ALA A 795 -6.64 11.19 10.43
N THR A 796 -6.94 10.48 9.34
CA THR A 796 -7.60 9.15 9.47
C THR A 796 -6.68 8.08 10.06
N SER A 797 -5.39 8.17 9.78
CA SER A 797 -4.39 7.29 10.37
C SER A 797 -4.40 7.38 11.91
N THR A 798 -4.54 8.61 12.42
CA THR A 798 -4.58 8.81 13.87
C THR A 798 -5.91 8.33 14.45
N ILE A 799 -7.01 8.57 13.73
CA ILE A 799 -8.30 8.04 14.15
C ILE A 799 -8.26 6.51 14.26
N ILE A 800 -7.62 5.86 13.28
CA ILE A 800 -7.42 4.40 13.33
C ILE A 800 -6.63 3.98 14.60
N SER A 801 -5.58 4.73 14.93
CA SER A 801 -4.80 4.44 16.13
C SER A 801 -5.65 4.49 17.40
N ILE A 802 -6.54 5.46 17.46
CA ILE A 802 -7.52 5.57 18.55
C ILE A 802 -8.49 4.38 18.63
N THR A 803 -9.03 3.95 17.49
CA THR A 803 -9.99 2.88 17.52
C THR A 803 -9.36 1.54 17.89
N ASN A 804 -8.07 1.39 17.63
CA ASN A 804 -7.38 0.14 17.96
C ASN A 804 -7.22 -0.04 19.48
N ASN A 805 -7.23 1.08 20.21
CA ASN A 805 -7.23 1.07 21.69
C ASN A 805 -8.61 0.61 22.12
N VAL A 806 -8.67 -0.34 23.05
CA VAL A 806 -9.96 -0.92 23.46
C VAL A 806 -10.94 0.13 24.01
N ILE A 807 -10.39 1.15 24.67
CA ILE A 807 -11.16 2.24 25.25
C ILE A 807 -11.63 3.21 24.13
N GLY A 808 -10.92 3.24 23.01
CA GLY A 808 -11.36 4.06 21.87
C GLY A 808 -12.31 3.42 20.89
N GLN A 809 -12.62 2.13 21.08
CA GLN A 809 -13.52 1.42 20.16
C GLN A 809 -14.90 2.07 20.05
N GLY A 810 -15.57 2.21 21.19
CA GLY A 810 -16.96 2.74 21.23
C GLY A 810 -16.94 4.18 20.77
N LEU A 811 -16.00 4.95 21.30
CA LEU A 811 -15.74 6.32 20.91
C LEU A 811 -15.68 6.53 19.38
N VAL A 812 -14.82 5.78 18.71
CA VAL A 812 -14.63 5.97 17.28
C VAL A 812 -15.79 5.43 16.45
N TRP A 813 -16.32 4.27 16.82
CA TRP A 813 -17.47 3.75 16.06
C TRP A 813 -18.66 4.72 16.16
N ASP A 814 -18.91 5.22 17.37
CA ASP A 814 -20.00 6.19 17.53
C ASP A 814 -19.75 7.44 16.70
N PHE A 815 -18.48 7.86 16.65
CA PHE A 815 -18.06 9.02 15.88
C PHE A 815 -18.28 8.78 14.39
N VAL A 816 -17.89 7.61 13.92
CA VAL A 816 -18.07 7.24 12.51
C VAL A 816 -19.54 7.22 12.07
N GLN A 817 -20.39 6.58 12.88
CA GLN A 817 -21.82 6.54 12.60
C GLN A 817 -22.40 7.96 12.58
N SER A 818 -21.86 8.85 13.41
CA SER A 818 -22.40 10.22 13.58
C SER A 818 -21.86 11.22 12.61
N ASN A 819 -20.78 10.88 11.91
CA ASN A 819 -20.15 11.87 11.08
C ASN A 819 -19.84 11.33 9.68
N TRP A 820 -20.66 10.43 9.18
CA TRP A 820 -20.32 9.78 7.93
C TRP A 820 -20.13 10.75 6.75
N LYS A 821 -21.05 11.70 6.56
CA LYS A 821 -20.94 12.65 5.42
C LYS A 821 -19.63 13.40 5.44
N LYS A 822 -19.27 13.94 6.62
CA LYS A 822 -18.02 14.64 6.77
C LYS A 822 -16.79 13.77 6.45
N LEU A 823 -16.73 12.55 7.00
CA LEU A 823 -15.60 11.67 6.71
C LEU A 823 -15.56 11.38 5.21
N PHE A 824 -16.70 11.02 4.65
CA PHE A 824 -16.78 10.70 3.21
C PHE A 824 -16.32 11.87 2.34
N ASN A 825 -16.85 13.06 2.59
CA ASN A 825 -16.58 14.23 1.72
C ASN A 825 -15.21 14.84 1.90
N ASP A 826 -14.72 14.94 3.14
CA ASP A 826 -13.49 15.67 3.42
C ASP A 826 -12.28 14.80 3.72
N TYR A 827 -12.52 13.52 4.01
CA TYR A 827 -11.42 12.67 4.48
C TYR A 827 -11.22 11.46 3.59
N GLY A 828 -11.50 11.64 2.30
CA GLY A 828 -10.97 10.79 1.25
C GLY A 828 -11.88 9.66 0.80
N GLY A 829 -13.19 9.91 0.81
CA GLY A 829 -14.20 8.88 0.50
C GLY A 829 -14.09 8.20 -0.87
N GLY A 830 -13.41 8.84 -1.82
CA GLY A 830 -13.18 8.22 -3.12
C GLY A 830 -11.71 8.00 -3.44
N SER A 831 -10.86 8.12 -2.42
CA SER A 831 -9.42 8.03 -2.62
C SER A 831 -8.81 6.77 -1.99
N PHE A 832 -7.49 6.63 -2.11
CA PHE A 832 -6.75 5.44 -1.67
C PHE A 832 -6.99 5.16 -0.18
N SER A 833 -7.15 3.88 0.17
CA SER A 833 -7.07 3.45 1.59
C SER A 833 -8.21 3.94 2.52
N PHE A 834 -9.29 4.46 1.94
CA PHE A 834 -10.51 4.80 2.71
C PHE A 834 -11.10 3.52 3.37
N SER A 835 -10.89 2.38 2.71
CA SER A 835 -11.20 1.10 3.34
C SER A 835 -10.54 0.91 4.73
N ASN A 836 -9.37 1.53 4.98
CA ASN A 836 -8.61 1.31 6.22
C ASN A 836 -9.46 1.67 7.46
N LEU A 837 -10.17 2.78 7.38
CA LEU A 837 -10.96 3.26 8.51
C LEU A 837 -12.16 2.34 8.77
N ILE A 838 -12.83 1.91 7.69
CA ILE A 838 -13.97 1.00 7.85
C ILE A 838 -13.45 -0.31 8.49
N GLN A 839 -12.36 -0.85 7.94
CA GLN A 839 -11.79 -2.10 8.45
C GLN A 839 -11.45 -2.00 9.94
N ALA A 840 -10.78 -0.91 10.30
CA ALA A 840 -10.26 -0.76 11.67
C ALA A 840 -11.37 -0.62 12.70
N VAL A 841 -12.37 0.21 12.41
CA VAL A 841 -13.46 0.45 13.35
C VAL A 841 -14.41 -0.77 13.51
N THR A 842 -14.47 -1.63 12.50
CA THR A 842 -15.41 -2.73 12.57
C THR A 842 -14.77 -4.07 12.98
N ARG A 843 -13.44 -4.15 13.03
CA ARG A 843 -12.86 -5.51 13.14
C ARG A 843 -13.05 -6.12 14.53
N ARG A 844 -13.33 -5.32 15.56
CA ARG A 844 -13.74 -5.90 16.85
C ARG A 844 -15.16 -6.50 16.87
N PHE A 845 -15.99 -6.19 15.89
CA PHE A 845 -17.43 -6.54 16.03
C PHE A 845 -17.59 -8.06 16.15
N SER A 846 -18.31 -8.51 17.19
CA SER A 846 -18.50 -9.93 17.40
C SER A 846 -19.87 -10.22 18.03
N THR A 847 -20.75 -9.23 18.00
CA THR A 847 -22.06 -9.31 18.63
C THR A 847 -23.16 -8.94 17.66
N GLU A 848 -24.31 -9.57 17.86
CA GLU A 848 -25.53 -9.19 17.17
C GLU A 848 -25.83 -7.69 17.27
N TYR A 849 -25.68 -7.12 18.47
CA TYR A 849 -25.82 -5.67 18.66
C TYR A 849 -24.95 -4.85 17.69
N GLU A 850 -23.65 -5.18 17.65
CA GLU A 850 -22.76 -4.49 16.71
C GLU A 850 -23.16 -4.74 15.24
N LEU A 851 -23.53 -5.97 14.90
CA LEU A 851 -23.96 -6.27 13.53
C LEU A 851 -25.14 -5.40 13.10
N GLN A 852 -26.16 -5.34 13.96
CA GLN A 852 -27.33 -4.47 13.70
C GLN A 852 -26.94 -3.02 13.55
N GLN A 853 -26.02 -2.51 14.37
CA GLN A 853 -25.52 -1.14 14.13
C GLN A 853 -24.90 -1.00 12.74
N LEU A 854 -24.10 -1.97 12.34
CA LEU A 854 -23.40 -1.92 11.04
C LEU A 854 -24.38 -1.99 9.87
N GLU A 855 -25.41 -2.85 10.00
CA GLU A 855 -26.42 -2.92 8.94
C GLU A 855 -27.20 -1.61 8.87
N GLN A 856 -27.43 -1.00 10.03
CA GLN A 856 -28.20 0.24 10.08
C GLN A 856 -27.36 1.38 9.54
N PHE A 857 -26.07 1.32 9.81
CA PHE A 857 -25.10 2.28 9.22
C PHE A 857 -25.16 2.19 7.69
N LYS A 858 -25.18 0.96 7.15
CA LYS A 858 -25.27 0.76 5.67
C LYS A 858 -26.57 1.40 5.15
N LYS A 859 -27.71 1.09 5.80
CA LYS A 859 -29.02 1.66 5.37
C LYS A 859 -29.10 3.16 5.45
N ASP A 860 -28.68 3.71 6.60
CA ASP A 860 -28.70 5.14 6.84
C ASP A 860 -27.90 5.96 5.87
N ASN A 861 -26.85 5.38 5.31
CA ASN A 861 -26.00 6.17 4.43
C ASN A 861 -26.04 5.77 2.97
N GLU A 862 -27.11 5.09 2.57
CA GLU A 862 -27.19 4.62 1.19
C GLU A 862 -27.11 5.76 0.16
N GLU A 863 -27.65 6.92 0.52
CA GLU A 863 -27.57 8.10 -0.35
C GLU A 863 -26.14 8.64 -0.50
N THR A 864 -25.39 8.72 0.60
CA THR A 864 -24.01 9.15 0.48
C THR A 864 -23.16 8.06 -0.21
N GLY A 865 -23.48 6.79 0.07
CA GLY A 865 -22.64 5.68 -0.36
C GLY A 865 -21.33 5.61 0.41
N PHE A 866 -20.45 4.73 -0.02
CA PHE A 866 -19.25 4.39 0.74
C PHE A 866 -18.03 4.44 -0.13
N GLY A 867 -18.20 4.99 -1.34
CA GLY A 867 -17.08 5.35 -2.21
C GLY A 867 -16.07 4.23 -2.35
N SER A 868 -14.81 4.54 -2.11
CA SER A 868 -13.75 3.56 -2.26
C SER A 868 -13.68 2.60 -1.05
N GLY A 869 -14.67 2.70 -0.15
CA GLY A 869 -14.80 1.78 0.97
C GLY A 869 -15.98 0.83 0.82
N THR A 870 -16.55 0.75 -0.39
CA THR A 870 -17.79 -0.03 -0.62
C THR A 870 -17.58 -1.51 -0.40
N ARG A 871 -16.52 -2.07 -1.00
N ARG A 871 -16.50 -2.03 -1.00
CA ARG A 871 -16.25 -3.50 -0.80
CA ARG A 871 -16.15 -3.44 -0.85
C ARG A 871 -15.86 -3.79 0.66
C ARG A 871 -15.84 -3.77 0.62
N ALA A 872 -15.10 -2.88 1.27
CA ALA A 872 -14.74 -3.04 2.70
C ALA A 872 -15.94 -3.15 3.65
N LEU A 873 -17.00 -2.39 3.40
CA LEU A 873 -18.23 -2.54 4.17
C LEU A 873 -18.87 -3.92 3.98
N GLU A 874 -18.93 -4.39 2.74
CA GLU A 874 -19.41 -5.77 2.49
C GLU A 874 -18.56 -6.79 3.24
N GLN A 875 -17.24 -6.59 3.23
CA GLN A 875 -16.35 -7.52 3.90
C GLN A 875 -16.55 -7.41 5.44
N ALA A 876 -16.74 -6.17 5.93
CA ALA A 876 -17.00 -5.97 7.36
C ALA A 876 -18.26 -6.74 7.77
N LEU A 877 -19.31 -6.66 6.96
CA LEU A 877 -20.55 -7.42 7.24
C LEU A 877 -20.32 -8.93 7.27
N GLU A 878 -19.57 -9.45 6.28
CA GLU A 878 -19.25 -10.89 6.28
C GLU A 878 -18.45 -11.31 7.53
N LYS A 879 -17.40 -10.55 7.83
CA LYS A 879 -16.54 -10.87 8.96
C LYS A 879 -17.32 -10.80 10.27
N THR A 880 -18.16 -9.79 10.41
CA THR A 880 -18.93 -9.62 11.66
C THR A 880 -19.83 -10.86 11.91
N LYS A 881 -20.49 -11.31 10.87
CA LYS A 881 -21.32 -12.53 10.96
C LYS A 881 -20.49 -13.75 11.35
N ALA A 882 -19.34 -13.92 10.69
CA ALA A 882 -18.36 -14.97 11.03
C ALA A 882 -17.89 -14.86 12.49
N ASN A 883 -17.63 -13.63 12.94
CA ASN A 883 -17.10 -13.41 14.29
C ASN A 883 -18.10 -13.81 15.40
N ILE A 884 -19.36 -13.44 15.20
CA ILE A 884 -20.42 -13.82 16.15
C ILE A 884 -20.43 -15.32 16.40
N LYS A 885 -20.44 -16.09 15.31
CA LYS A 885 -20.47 -17.54 15.40
C LYS A 885 -19.15 -18.05 15.97
N TRP A 886 -18.04 -17.45 15.57
CA TRP A 886 -16.73 -17.91 16.05
C TRP A 886 -16.59 -17.75 17.57
N VAL A 887 -17.03 -16.60 18.10
CA VAL A 887 -17.00 -16.36 19.56
C VAL A 887 -17.91 -17.37 20.29
N LYS A 888 -19.15 -17.55 19.80
CA LYS A 888 -20.04 -18.54 20.39
C LYS A 888 -19.37 -19.92 20.48
N GLU A 889 -18.78 -20.34 19.38
CA GLU A 889 -18.18 -21.66 19.29
C GLU A 889 -16.85 -21.81 20.09
N ASN A 890 -16.07 -20.74 20.21
CA ASN A 890 -14.71 -20.85 20.77
C ASN A 890 -14.46 -20.27 22.17
N LYS A 891 -15.36 -19.44 22.70
CA LYS A 891 -15.03 -18.68 23.90
C LYS A 891 -14.72 -19.56 25.12
N GLU A 892 -15.46 -20.64 25.29
CA GLU A 892 -15.24 -21.45 26.50
C GLU A 892 -13.99 -22.30 26.36
N VAL A 893 -13.75 -22.90 25.19
CA VAL A 893 -12.54 -23.72 25.00
C VAL A 893 -11.27 -22.85 25.07
N VAL A 894 -11.34 -21.65 24.50
CA VAL A 894 -10.20 -20.71 24.51
C VAL A 894 -9.95 -20.20 25.93
N LEU A 895 -11.01 -19.85 26.66
CA LEU A 895 -10.84 -19.40 28.05
C LEU A 895 -10.13 -20.49 28.89
N GLN A 896 -10.58 -21.73 28.75
CA GLN A 896 -10.06 -22.84 29.50
C GLN A 896 -8.60 -23.13 29.07
N TRP A 897 -8.31 -23.06 27.77
CA TRP A 897 -6.93 -23.31 27.28
C TRP A 897 -5.94 -22.27 27.80
N PHE A 898 -6.28 -20.98 27.69
CA PHE A 898 -5.37 -19.94 28.19
C PHE A 898 -5.20 -20.10 29.72
N THR A 899 -6.29 -20.37 30.43
CA THR A 899 -6.22 -20.59 31.90
C THR A 899 -5.30 -21.77 32.24
N GLU A 900 -5.48 -22.91 31.58
CA GLU A 900 -4.72 -24.15 31.88
C GLU A 900 -3.26 -24.11 31.42
N ASN A 901 -2.95 -23.25 30.45
CA ASN A 901 -1.61 -23.21 29.85
C ASN A 901 -0.79 -22.00 30.24
N SER A 902 -1.33 -21.12 31.06
CA SER A 902 -0.61 -19.90 31.43
C SER A 902 0.06 -19.97 32.78
N LYS A 903 0.12 -21.16 33.40
CA LYS A 903 0.60 -21.27 34.80
C LYS A 903 2.01 -21.91 34.92
N VAL B 1 1.33 4.28 -7.09
CA VAL B 1 1.63 4.86 -5.71
C VAL B 1 2.14 3.76 -4.79
N TYR B 2 2.88 4.18 -3.78
CA TYR B 2 3.21 3.27 -2.69
C TYR B 2 2.16 3.49 -1.60
N ILE B 3 1.56 2.41 -1.14
CA ILE B 3 0.65 2.46 0.00
C ILE B 3 1.18 1.47 1.06
N HIS B 4 1.34 1.91 2.31
CA HIS B 4 1.85 0.95 3.30
C HIS B 4 0.82 -0.11 3.63
N PRO B 5 1.20 -1.40 3.43
CA PRO B 5 0.47 -2.56 3.88
C PRO B 5 -0.30 -2.29 5.18
N PHE B 6 -1.62 -2.29 5.08
CA PHE B 6 -2.47 -2.15 6.27
C PHE B 6 -2.68 -3.51 6.92
#